data_7UVH
#
_entry.id   7UVH
#
_cell.length_a   154.870
_cell.length_b   80.470
_cell.length_c   124.960
_cell.angle_alpha   90.000
_cell.angle_beta   111.811
_cell.angle_gamma   90.000
#
_symmetry.space_group_name_H-M   'C 1 2 1'
#
loop_
_entity.id
_entity.type
_entity.pdbx_description
1 polymer 'RUPA-32 Fab Heavy Chain'
2 polymer 'RUPA-32 Fab Light Chain'
3 polymer 'Gametocyte surface protein P230'
4 non-polymer 'AMMONIUM ION'
5 non-polymer 'CHLORIDE ION'
6 non-polymer 1,2-ETHANEDIOL
7 non-polymer 2-AMINO-2-HYDROXYMETHYL-PROPANE-1,3-DIOL
8 water water
#
loop_
_entity_poly.entity_id
_entity_poly.type
_entity_poly.pdbx_seq_one_letter_code
_entity_poly.pdbx_strand_id
1 'polypeptide(L)'
;EVQLVESGGGLVKPGGSLRLSCAASGFAFSTYAMSWVRQAPGKGLEWVSSISESSSYTYYTDSVKGRFTISRDNAKKSLF
LHMNSLRAEDTAVYYCARSDGLSMIAAPFDYWGQGARVTVSSASTKGPSVFPLAPSSKSTSGGTAALGCLVKDYFPEPVT
VSWNSGALTSGVHTFPAVLQSSGLYSLSSVVTVPSSSLGTQTYICNVNHKPSNTKVDKKVEPKSC
;
A,D
2 'polypeptide(L)'
;EIVLTQSPATLSLSPGERATLSCRTSQSLSISLVWYQQKPGQAPRLLISDASNRAPGIPARFSASGSGTDFTLTISSLEP
EDFAVYYCQQRSNWPPITFGQGTRLEMKRTVAAPSVFIFPPSDEQLKSGTASVVCLLNNFYPREAKVQWKVDNALQSGNS
QESVTEQDSKDSTYSLSSTLTLSKADYEKHKVYACEVTHQGLSSPVTKSFNRGEC
;
B,E
3 'polypeptide(L)'
;VGVDELDKIDLSYETTESGDTAVSEDSYDKYASQNTNKEYVCDFTDQLKPTESGPKVKKCEVKVNEPLIKVKIICPLKGS
VEKLYDNIEYVPKKSPYVVLTKEETKLKEKLLSKLIYGLLISPTVNEKENNFKEGVIEFTLPPVVHKATVFYFICDNSKT
EDDNKKGNRGIVEVYVEPYGGSLKENLYFQGWSHPQFEK
;
C,F
#
# COMPACT_ATOMS: atom_id res chain seq x y z
N GLU A 1 -1.61 4.65 -10.61
CA GLU A 1 -2.33 5.91 -10.40
C GLU A 1 -3.42 5.68 -9.36
N VAL A 2 -4.44 4.90 -9.74
CA VAL A 2 -5.53 4.55 -8.84
C VAL A 2 -5.03 3.60 -7.76
N GLN A 3 -5.36 3.90 -6.51
CA GLN A 3 -4.93 3.08 -5.41
C GLN A 3 -6.02 3.01 -4.36
N LEU A 4 -6.24 1.81 -3.85
CA LEU A 4 -7.15 1.55 -2.74
C LEU A 4 -6.41 0.69 -1.72
N VAL A 5 -6.26 1.20 -0.51
CA VAL A 5 -5.45 0.58 0.52
C VAL A 5 -6.36 0.31 1.71
N GLU A 6 -6.65 -0.95 1.98
CA GLU A 6 -7.45 -1.25 3.16
C GLU A 6 -6.57 -1.38 4.40
N SER A 7 -7.22 -1.23 5.55
CA SER A 7 -6.63 -1.49 6.83
C SER A 7 -7.75 -1.86 7.80
N GLY A 8 -7.37 -2.36 8.96
CA GLY A 8 -8.33 -2.65 10.00
C GLY A 8 -8.66 -4.11 10.18
N GLY A 9 -8.09 -5.00 9.36
CA GLY A 9 -8.37 -6.42 9.49
C GLY A 9 -7.75 -7.04 10.72
N GLY A 10 -8.22 -8.24 11.07
CA GLY A 10 -7.58 -9.00 12.13
C GLY A 10 -8.49 -10.07 12.71
N LEU A 11 -8.21 -10.39 13.97
CA LEU A 11 -8.84 -11.48 14.69
C LEU A 11 -9.94 -10.92 15.58
N VAL A 12 -11.10 -11.58 15.59
CA VAL A 12 -12.16 -11.19 16.49
C VAL A 12 -12.80 -12.44 17.07
N LYS A 13 -13.21 -12.34 18.33
CA LYS A 13 -14.03 -13.38 18.91
C LYS A 13 -15.43 -13.30 18.31
N PRO A 14 -16.17 -14.41 18.25
CA PRO A 14 -17.56 -14.35 17.77
C PRO A 14 -18.43 -13.48 18.65
N GLY A 15 -19.26 -12.67 18.00
CA GLY A 15 -19.97 -11.60 18.65
C GLY A 15 -19.20 -10.31 18.76
N GLY A 16 -17.94 -10.28 18.31
CA GLY A 16 -17.14 -9.09 18.41
C GLY A 16 -17.42 -8.15 17.26
N SER A 17 -16.76 -6.99 17.32
CA SER A 17 -16.95 -5.96 16.32
C SER A 17 -15.59 -5.57 15.76
N LEU A 18 -15.63 -5.03 14.55
CA LEU A 18 -14.43 -4.61 13.85
C LEU A 18 -14.79 -3.50 12.88
N ARG A 19 -13.85 -2.63 12.59
CA ARG A 19 -14.04 -1.58 11.59
C ARG A 19 -12.96 -1.70 10.51
N LEU A 20 -13.38 -1.91 9.28
CA LEU A 20 -12.45 -1.88 8.15
C LEU A 20 -12.44 -0.50 7.52
N SER A 21 -11.32 -0.16 6.90
CA SER A 21 -11.12 1.10 6.22
C SER A 21 -10.51 0.83 4.85
N CYS A 22 -10.81 1.73 3.92
CA CYS A 22 -10.18 1.76 2.60
C CYS A 22 -9.82 3.22 2.29
N ALA A 23 -8.52 3.51 2.21
CA ALA A 23 -8.02 4.82 1.80
C ALA A 23 -7.83 4.84 0.28
N ALA A 24 -8.33 5.89 -0.35
CA ALA A 24 -8.28 6.01 -1.80
C ALA A 24 -7.34 7.13 -2.27
N SER A 25 -6.75 6.91 -3.44
CA SER A 25 -5.92 7.96 -4.03
C SER A 25 -5.89 7.78 -5.54
N GLY A 26 -5.55 8.88 -6.23
CA GLY A 26 -5.33 8.85 -7.65
C GLY A 26 -6.56 9.05 -8.50
N PHE A 27 -7.70 9.35 -7.91
CA PHE A 27 -8.94 9.60 -8.64
C PHE A 27 -9.82 10.50 -7.77
N ALA A 28 -10.83 11.11 -8.40
CA ALA A 28 -11.80 11.92 -7.65
C ALA A 28 -12.80 11.00 -6.97
N PHE A 29 -12.53 10.70 -5.69
CA PHE A 29 -13.23 9.68 -4.89
C PHE A 29 -14.72 9.98 -4.68
N SER A 30 -15.09 11.25 -4.65
CA SER A 30 -16.46 11.67 -4.41
C SER A 30 -17.37 11.53 -5.64
N THR A 31 -16.89 11.00 -6.77
CA THR A 31 -17.71 10.78 -7.95
C THR A 31 -17.90 9.30 -8.27
N TYR A 32 -17.42 8.39 -7.41
CA TYR A 32 -17.54 6.97 -7.66
C TYR A 32 -18.28 6.25 -6.55
N ALA A 33 -18.99 5.20 -6.95
CA ALA A 33 -19.52 4.27 -5.98
C ALA A 33 -18.38 3.44 -5.41
N MET A 34 -18.53 3.04 -4.14
CA MET A 34 -17.57 2.17 -3.47
C MET A 34 -18.30 0.97 -2.88
N SER A 35 -17.62 -0.17 -2.80
CA SER A 35 -18.21 -1.43 -2.37
C SER A 35 -17.25 -2.27 -1.53
N TRP A 36 -17.83 -3.18 -0.76
CA TRP A 36 -17.09 -4.23 -0.08
C TRP A 36 -17.57 -5.57 -0.62
N VAL A 37 -16.59 -6.40 -1.02
CA VAL A 37 -16.76 -7.74 -1.55
C VAL A 37 -15.90 -8.68 -0.71
N ARG A 38 -16.47 -9.78 -0.24
CA ARG A 38 -15.68 -10.65 0.62
C ARG A 38 -15.39 -11.97 -0.07
N GLN A 39 -14.36 -12.66 0.44
CA GLN A 39 -13.91 -13.94 -0.09
C GLN A 39 -13.56 -14.84 1.09
N ALA A 40 -14.41 -15.82 1.36
CA ALA A 40 -14.17 -16.77 2.45
C ALA A 40 -13.00 -17.69 2.07
N PRO A 41 -12.29 -18.27 3.05
CA PRO A 41 -11.18 -19.21 2.73
C PRO A 41 -11.65 -20.45 1.99
N GLY A 42 -11.03 -20.69 0.82
CA GLY A 42 -11.39 -21.72 -0.14
C GLY A 42 -12.56 -21.36 -1.04
N LYS A 43 -13.16 -20.19 -0.88
CA LYS A 43 -14.41 -19.91 -1.57
C LYS A 43 -14.24 -18.76 -2.56
N GLY A 44 -15.31 -18.50 -3.31
CA GLY A 44 -15.30 -17.44 -4.29
C GLY A 44 -15.65 -16.08 -3.71
N LEU A 45 -16.19 -15.23 -4.57
CA LEU A 45 -16.47 -13.84 -4.21
C LEU A 45 -17.93 -13.69 -3.80
N GLU A 46 -18.17 -12.85 -2.80
CA GLU A 46 -19.51 -12.54 -2.34
C GLU A 46 -19.59 -11.03 -2.12
N TRP A 47 -20.53 -10.39 -2.82
CA TRP A 47 -20.80 -8.99 -2.59
C TRP A 47 -21.39 -8.78 -1.20
N VAL A 48 -20.87 -7.79 -0.50
CA VAL A 48 -21.33 -7.48 0.84
C VAL A 48 -22.17 -6.22 0.83
N SER A 49 -21.63 -5.14 0.28
CA SER A 49 -22.25 -3.85 0.54
C SER A 49 -21.77 -2.86 -0.49
N SER A 50 -22.63 -1.86 -0.78
CA SER A 50 -22.29 -0.80 -1.72
C SER A 50 -22.84 0.52 -1.22
N ILE A 51 -22.10 1.60 -1.51
CA ILE A 51 -22.51 2.95 -1.17
C ILE A 51 -22.28 3.87 -2.38
N SER A 52 -23.27 4.71 -2.68
CA SER A 52 -23.18 5.69 -3.76
C SER A 52 -22.24 6.84 -3.37
N GLU A 53 -22.02 7.77 -4.33
CA GLU A 53 -20.93 8.73 -4.26
C GLU A 53 -21.11 9.73 -3.11
N SER A 54 -22.33 10.21 -2.87
CA SER A 54 -22.66 11.14 -1.81
C SER A 54 -23.50 10.49 -0.71
N SER A 55 -23.43 9.16 -0.60
CA SER A 55 -24.05 8.31 0.44
C SER A 55 -25.57 8.34 0.44
N SER A 56 -26.22 8.69 -0.69
CA SER A 56 -27.68 8.70 -0.69
C SER A 56 -28.25 7.29 -0.84
N TYR A 57 -27.46 6.33 -1.30
CA TYR A 57 -27.90 4.96 -1.53
C TYR A 57 -26.90 4.02 -0.87
N THR A 58 -27.39 3.17 0.04
CA THR A 58 -26.62 2.07 0.56
C THR A 58 -27.37 0.76 0.27
N TYR A 59 -26.59 -0.30 0.08
CA TYR A 59 -27.12 -1.60 -0.30
C TYR A 59 -26.35 -2.67 0.47
N TYR A 60 -27.07 -3.71 0.88
CA TYR A 60 -26.51 -4.75 1.70
C TYR A 60 -26.98 -6.12 1.22
N THR A 61 -26.09 -7.11 1.31
CA THR A 61 -26.53 -8.48 1.23
C THR A 61 -27.25 -8.85 2.52
N ASP A 62 -28.17 -9.83 2.40
CA ASP A 62 -29.17 -10.11 3.44
C ASP A 62 -28.54 -10.61 4.74
N SER A 63 -27.46 -11.37 4.65
CA SER A 63 -26.83 -11.94 5.83
C SER A 63 -26.08 -10.91 6.67
N VAL A 64 -25.79 -9.72 6.15
CA VAL A 64 -25.13 -8.72 6.97
C VAL A 64 -26.03 -7.53 7.31
N LYS A 65 -27.30 -7.57 6.90
CA LYS A 65 -28.28 -6.55 7.26
C LYS A 65 -28.50 -6.51 8.76
N GLY A 66 -28.48 -5.30 9.31
CA GLY A 66 -28.58 -5.12 10.73
C GLY A 66 -27.24 -5.17 11.45
N ARG A 67 -26.28 -5.93 10.93
CA ARG A 67 -25.00 -6.13 11.58
C ARG A 67 -23.90 -5.23 11.02
N PHE A 68 -23.92 -4.96 9.72
CA PHE A 68 -22.85 -4.24 9.05
C PHE A 68 -23.39 -2.87 8.63
N THR A 69 -22.55 -1.84 8.71
CA THR A 69 -22.85 -0.52 8.19
C THR A 69 -21.73 -0.13 7.24
N ILE A 70 -22.07 0.30 6.04
CA ILE A 70 -21.09 0.89 5.13
C ILE A 70 -21.17 2.41 5.29
N SER A 71 -20.03 3.10 5.20
CA SER A 71 -20.05 4.56 5.20
C SER A 71 -18.82 5.07 4.46
N ARG A 72 -18.80 6.38 4.24
CA ARG A 72 -17.68 7.02 3.55
C ARG A 72 -17.55 8.46 4.03
N ASP A 73 -16.32 8.97 3.92
CA ASP A 73 -15.98 10.37 4.07
C ASP A 73 -15.24 10.81 2.82
N ASN A 74 -15.85 11.74 2.07
CA ASN A 74 -15.24 12.20 0.83
C ASN A 74 -14.17 13.24 1.04
N ALA A 75 -14.15 13.90 2.21
CA ALA A 75 -13.04 14.81 2.52
C ALA A 75 -11.77 14.04 2.88
N LYS A 76 -11.93 12.91 3.59
CA LYS A 76 -10.81 12.11 4.06
C LYS A 76 -10.43 11.03 3.06
N LYS A 77 -11.14 10.97 1.93
CA LYS A 77 -11.00 9.99 0.86
C LYS A 77 -11.04 8.55 1.37
N SER A 78 -12.03 8.27 2.24
CA SER A 78 -12.08 7.03 2.99
C SER A 78 -13.43 6.32 2.90
N LEU A 79 -13.38 4.99 2.84
CA LEU A 79 -14.55 4.10 2.87
C LEU A 79 -14.45 3.23 4.13
N PHE A 80 -15.59 2.96 4.77
CA PHE A 80 -15.61 2.20 6.02
C PHE A 80 -16.62 1.07 5.96
N LEU A 81 -16.29 -0.04 6.60
CA LEU A 81 -17.28 -1.08 6.92
C LEU A 81 -17.21 -1.32 8.42
N HIS A 82 -18.23 -0.91 9.14
CA HIS A 82 -18.37 -1.24 10.54
C HIS A 82 -19.13 -2.58 10.64
N MET A 83 -18.48 -3.61 11.18
CA MET A 83 -19.04 -4.96 11.35
C MET A 83 -19.28 -5.26 12.83
N ASN A 84 -20.55 -5.33 13.24
CA ASN A 84 -20.92 -5.80 14.56
C ASN A 84 -21.49 -7.22 14.47
N SER A 85 -21.53 -7.88 15.63
CA SER A 85 -22.13 -9.21 15.85
C SER A 85 -21.56 -10.25 14.90
N LEU A 86 -20.24 -10.35 14.94
CA LEU A 86 -19.52 -11.11 13.93
C LEU A 86 -19.67 -12.59 14.21
N ARG A 87 -19.95 -13.34 13.16
CA ARG A 87 -20.12 -14.78 13.20
C ARG A 87 -18.94 -15.39 12.47
N ALA A 88 -18.75 -16.71 12.63
CA ALA A 88 -17.68 -17.43 11.95
C ALA A 88 -17.84 -17.46 10.43
N GLU A 89 -19.07 -17.33 9.91
CA GLU A 89 -19.30 -17.19 8.46
C GLU A 89 -18.77 -15.85 7.89
N ASP A 90 -18.51 -14.85 8.73
CA ASP A 90 -17.97 -13.61 8.22
C ASP A 90 -16.46 -13.65 7.96
N THR A 91 -15.81 -14.79 8.27
CA THR A 91 -14.40 -14.99 8.03
C THR A 91 -14.10 -14.97 6.54
N ALA A 92 -13.30 -13.99 6.13
CA ALA A 92 -13.06 -13.69 4.73
C ALA A 92 -11.92 -12.70 4.62
N VAL A 93 -11.38 -12.59 3.42
CA VAL A 93 -10.64 -11.42 2.99
C VAL A 93 -11.65 -10.41 2.45
N TYR A 94 -11.61 -9.17 2.92
CA TYR A 94 -12.56 -8.15 2.50
C TYR A 94 -11.87 -7.18 1.55
N TYR A 95 -12.46 -6.98 0.39
CA TYR A 95 -11.98 -6.10 -0.63
C TYR A 95 -12.86 -4.87 -0.72
N CYS A 96 -12.24 -3.69 -0.80
CA CYS A 96 -12.95 -2.51 -1.26
C CYS A 96 -12.80 -2.45 -2.77
N ALA A 97 -13.85 -1.96 -3.42
CA ALA A 97 -13.86 -1.87 -4.88
C ALA A 97 -14.59 -0.63 -5.34
N ARG A 98 -14.04 -0.01 -6.37
CA ARG A 98 -14.60 1.19 -6.99
C ARG A 98 -15.44 0.81 -8.21
N SER A 99 -16.54 1.53 -8.40
CA SER A 99 -17.37 1.40 -9.58
C SER A 99 -17.88 2.78 -9.93
N ASP A 100 -18.30 2.91 -11.19
CA ASP A 100 -18.80 4.18 -11.71
C ASP A 100 -20.14 4.56 -11.11
N GLY A 101 -20.94 3.58 -10.67
CA GLY A 101 -22.24 3.93 -10.16
C GLY A 101 -23.02 2.71 -9.79
N LEU A 102 -24.17 2.97 -9.17
CA LEU A 102 -25.08 1.97 -8.62
C LEU A 102 -26.46 2.17 -9.17
N SER A 103 -26.57 2.24 -10.50
CA SER A 103 -27.86 2.19 -11.16
C SER A 103 -28.44 0.78 -11.19
N MET A 104 -29.57 0.64 -11.91
CA MET A 104 -30.22 -0.67 -12.01
C MET A 104 -29.38 -1.63 -12.83
N ILE A 105 -28.62 -1.11 -13.78
CA ILE A 105 -27.45 -1.79 -14.27
C ILE A 105 -26.29 -1.22 -13.47
N ALA A 106 -25.78 -2.02 -12.54
CA ALA A 106 -24.70 -1.55 -11.69
C ALA A 106 -23.39 -1.61 -12.45
N ALA A 107 -22.53 -0.64 -12.20
CA ALA A 107 -21.27 -0.54 -12.92
C ALA A 107 -20.29 -1.62 -12.42
N PRO A 108 -19.40 -2.11 -13.29
CA PRO A 108 -18.40 -3.11 -12.86
C PRO A 108 -17.40 -2.58 -11.86
N PHE A 109 -16.89 -3.49 -11.04
CA PHE A 109 -15.89 -3.14 -10.06
C PHE A 109 -14.54 -3.02 -10.76
N ASP A 110 -14.19 -1.79 -11.16
CA ASP A 110 -13.02 -1.65 -12.00
C ASP A 110 -11.70 -1.61 -11.24
N TYR A 111 -11.69 -1.24 -9.96
CA TYR A 111 -10.44 -1.21 -9.22
C TYR A 111 -10.68 -1.78 -7.85
N TRP A 112 -9.74 -2.59 -7.38
CA TRP A 112 -9.93 -3.31 -6.15
C TRP A 112 -8.79 -2.99 -5.22
N GLY A 113 -9.08 -2.93 -3.93
CA GLY A 113 -8.04 -2.85 -2.92
C GLY A 113 -7.33 -4.19 -2.75
N GLN A 114 -6.33 -4.21 -1.87
CA GLN A 114 -5.49 -5.41 -1.73
C GLN A 114 -6.07 -6.44 -0.79
N GLY A 115 -7.12 -6.11 -0.07
CA GLY A 115 -7.76 -7.08 0.80
C GLY A 115 -7.33 -6.92 2.24
N ALA A 116 -8.26 -7.23 3.14
CA ALA A 116 -8.01 -7.21 4.58
C ALA A 116 -8.61 -8.48 5.17
N ARG A 117 -7.79 -9.26 5.86
CA ARG A 117 -8.24 -10.55 6.38
C ARG A 117 -8.98 -10.35 7.69
N VAL A 118 -10.19 -10.91 7.78
CA VAL A 118 -11.00 -10.89 8.98
C VAL A 118 -11.24 -12.35 9.36
N THR A 119 -10.72 -12.75 10.52
CA THR A 119 -10.87 -14.10 11.06
C THR A 119 -11.70 -14.01 12.33
N VAL A 120 -12.87 -14.64 12.31
CA VAL A 120 -13.75 -14.69 13.47
C VAL A 120 -13.61 -16.08 14.06
N SER A 121 -12.97 -16.16 15.23
CA SER A 121 -12.69 -17.45 15.84
C SER A 121 -12.60 -17.30 17.34
N SER A 122 -12.98 -18.36 18.06
CA SER A 122 -12.85 -18.44 19.50
C SER A 122 -11.47 -18.90 19.95
N ALA A 123 -10.56 -19.18 19.03
CA ALA A 123 -9.23 -19.65 19.39
C ALA A 123 -8.31 -18.50 19.80
N SER A 124 -7.45 -18.77 20.80
CA SER A 124 -6.39 -17.83 21.15
C SER A 124 -5.12 -18.11 20.36
N THR A 125 -4.20 -17.14 20.38
CA THR A 125 -3.03 -17.19 19.52
C THR A 125 -1.99 -18.13 20.10
N LYS A 126 -1.61 -19.14 19.30
CA LYS A 126 -0.85 -20.29 19.78
C LYS A 126 0.34 -20.56 18.87
N GLY A 127 1.49 -20.84 19.48
CA GLY A 127 2.64 -21.28 18.73
C GLY A 127 2.46 -22.70 18.24
N PRO A 128 3.20 -23.07 17.20
CA PRO A 128 3.08 -24.43 16.67
C PRO A 128 3.98 -25.41 17.38
N SER A 129 3.60 -26.68 17.26
CA SER A 129 4.45 -27.80 17.64
C SER A 129 4.99 -28.41 16.35
N VAL A 130 6.31 -28.56 16.30
CA VAL A 130 6.99 -29.06 15.10
C VAL A 130 7.49 -30.48 15.38
N PHE A 131 7.06 -31.43 14.55
CA PHE A 131 7.39 -32.84 14.68
C PHE A 131 8.02 -33.33 13.38
N PRO A 132 9.02 -34.21 13.45
CA PRO A 132 9.63 -34.70 12.22
C PRO A 132 8.74 -35.68 11.49
N LEU A 133 8.80 -35.63 10.17
CA LEU A 133 8.28 -36.67 9.30
C LEU A 133 9.55 -37.33 8.77
N ALA A 134 9.96 -38.38 9.46
CA ALA A 134 11.33 -38.89 9.36
C ALA A 134 11.49 -39.74 8.10
N PRO A 135 12.61 -39.57 7.39
CA PRO A 135 12.89 -40.45 6.23
C PRO A 135 13.21 -41.85 6.72
N SER A 136 12.52 -42.83 6.15
CA SER A 136 12.48 -44.15 6.75
C SER A 136 13.36 -45.16 6.03
N SER A 137 13.85 -44.83 4.84
CA SER A 137 14.80 -45.58 4.00
C SER A 137 14.27 -46.93 3.47
N LYS A 138 13.01 -47.27 3.75
CA LYS A 138 12.20 -48.17 2.94
C LYS A 138 10.93 -47.48 2.45
N SER A 139 10.12 -46.94 3.38
CA SER A 139 8.76 -46.49 3.09
C SER A 139 8.73 -45.09 2.53
N THR A 140 9.81 -44.34 2.75
CA THR A 140 9.96 -43.02 2.15
C THR A 140 11.02 -42.98 1.05
N SER A 141 11.42 -44.14 0.49
CA SER A 141 12.56 -44.24 -0.44
C SER A 141 12.18 -45.01 -1.71
N GLY A 142 12.29 -44.35 -2.87
CA GLY A 142 12.21 -44.97 -4.19
C GLY A 142 13.35 -44.53 -5.10
N GLY A 143 14.58 -44.61 -4.56
CA GLY A 143 15.81 -44.06 -5.12
C GLY A 143 16.10 -42.64 -4.67
N THR A 144 15.05 -41.83 -4.49
CA THR A 144 15.11 -40.58 -3.75
C THR A 144 14.36 -40.83 -2.44
N ALA A 145 14.74 -40.09 -1.40
CA ALA A 145 14.07 -40.13 -0.10
C ALA A 145 13.24 -38.88 0.11
N ALA A 146 12.03 -39.04 0.62
CA ALA A 146 11.22 -37.91 1.08
C ALA A 146 11.34 -37.75 2.60
N LEU A 147 11.34 -36.50 3.05
CA LEU A 147 11.33 -36.20 4.48
C LEU A 147 10.57 -34.90 4.67
N GLY A 148 10.23 -34.62 5.92
CA GLY A 148 9.46 -33.41 6.14
C GLY A 148 9.39 -33.09 7.61
N CYS A 149 8.58 -32.07 7.91
CA CYS A 149 8.16 -31.86 9.27
C CYS A 149 6.72 -31.34 9.27
N LEU A 150 6.05 -31.66 10.36
CA LEU A 150 4.63 -31.40 10.58
C LEU A 150 4.53 -30.24 11.55
N VAL A 151 3.89 -29.17 11.09
CA VAL A 151 3.68 -27.95 11.86
C VAL A 151 2.22 -27.94 12.29
N LYS A 152 1.96 -28.23 13.55
CA LYS A 152 0.64 -28.57 14.02
C LYS A 152 0.23 -27.63 15.13
N ASP A 153 -1.08 -27.33 15.18
CA ASP A 153 -1.77 -26.67 16.31
C ASP A 153 -1.30 -25.23 16.55
N TYR A 154 -1.30 -24.42 15.50
CA TYR A 154 -0.98 -23.01 15.65
C TYR A 154 -2.18 -22.16 15.25
N PHE A 155 -2.19 -20.92 15.74
CA PHE A 155 -3.21 -19.97 15.42
C PHE A 155 -2.63 -18.58 15.59
N PRO A 156 -2.93 -17.62 14.67
CA PRO A 156 -3.60 -17.79 13.38
C PRO A 156 -2.61 -18.12 12.27
N GLU A 157 -3.09 -18.06 11.02
CA GLU A 157 -2.19 -18.09 9.88
C GLU A 157 -1.40 -16.77 9.82
N PRO A 158 -0.17 -16.78 9.28
CA PRO A 158 0.65 -17.83 8.65
C PRO A 158 1.83 -18.36 9.46
N VAL A 159 2.47 -19.39 8.92
CA VAL A 159 3.79 -19.84 9.33
C VAL A 159 4.64 -19.83 8.08
N THR A 160 5.95 -19.66 8.28
CA THR A 160 6.94 -19.80 7.21
C THR A 160 7.80 -21.00 7.54
N VAL A 161 8.04 -21.86 6.56
CA VAL A 161 8.98 -22.97 6.70
C VAL A 161 10.09 -22.79 5.67
N SER A 162 11.33 -22.87 6.15
CA SER A 162 12.52 -22.91 5.33
C SER A 162 13.27 -24.21 5.63
N TRP A 163 14.14 -24.67 4.72
CA TRP A 163 14.82 -25.89 5.14
C TRP A 163 16.27 -25.72 5.57
N ASN A 164 17.25 -25.56 4.69
CA ASN A 164 18.62 -25.56 5.23
C ASN A 164 19.14 -24.12 5.38
N SER A 165 18.42 -23.41 6.25
CA SER A 165 18.45 -21.96 6.41
C SER A 165 18.36 -21.23 5.05
N GLY A 166 17.40 -21.69 4.22
CA GLY A 166 17.16 -21.12 2.91
C GLY A 166 17.88 -21.79 1.77
N ALA A 167 18.91 -22.61 2.05
CA ALA A 167 19.75 -23.18 1.00
C ALA A 167 19.15 -24.42 0.34
N LEU A 168 18.12 -25.03 0.92
CA LEU A 168 17.43 -26.17 0.29
C LEU A 168 16.07 -25.71 -0.15
N THR A 169 15.94 -25.39 -1.44
CA THR A 169 14.66 -24.89 -1.97
C THR A 169 14.05 -25.76 -3.07
N SER A 170 14.87 -26.44 -3.86
CA SER A 170 14.36 -27.29 -4.92
C SER A 170 13.80 -28.58 -4.31
N GLY A 171 12.62 -28.98 -4.78
CA GLY A 171 11.92 -30.14 -4.26
C GLY A 171 11.14 -29.92 -2.99
N VAL A 172 11.11 -28.69 -2.48
CA VAL A 172 10.32 -28.35 -1.30
C VAL A 172 8.87 -28.11 -1.69
N HIS A 173 7.97 -28.81 -1.01
CA HIS A 173 6.57 -28.48 -1.05
C HIS A 173 6.10 -28.17 0.35
N THR A 174 5.71 -26.93 0.58
CA THR A 174 5.04 -26.57 1.82
C THR A 174 3.55 -26.48 1.56
N PHE A 175 2.78 -27.28 2.25
CA PHE A 175 1.37 -27.42 1.94
C PHE A 175 0.56 -26.25 2.50
N PRO A 176 -0.59 -25.94 1.88
CA PRO A 176 -1.54 -25.01 2.49
C PRO A 176 -2.03 -25.52 3.84
N ALA A 177 -2.19 -24.58 4.76
CA ALA A 177 -2.71 -24.90 6.08
C ALA A 177 -4.13 -25.44 6.01
N VAL A 178 -4.42 -26.42 6.82
CA VAL A 178 -5.76 -26.95 6.96
C VAL A 178 -6.23 -26.64 8.39
N LEU A 179 -7.40 -26.02 8.47
CA LEU A 179 -8.03 -25.74 9.74
C LEU A 179 -8.59 -27.04 10.30
N GLN A 180 -8.15 -27.42 11.50
CA GLN A 180 -8.63 -28.61 12.17
C GLN A 180 -9.88 -28.27 12.99
N SER A 181 -10.57 -29.33 13.47
CA SER A 181 -11.80 -29.12 14.23
C SER A 181 -11.58 -28.51 15.61
N SER A 182 -10.32 -28.55 16.10
CA SER A 182 -9.91 -27.76 17.25
C SER A 182 -10.03 -26.26 17.02
N GLY A 183 -9.99 -25.81 15.77
CA GLY A 183 -9.88 -24.41 15.45
C GLY A 183 -8.46 -23.94 15.27
N LEU A 184 -7.49 -24.86 15.29
CA LEU A 184 -6.10 -24.55 15.07
C LEU A 184 -5.71 -25.05 13.70
N TYR A 185 -4.55 -24.58 13.24
CA TYR A 185 -4.09 -24.85 11.89
C TYR A 185 -2.96 -25.86 11.92
N SER A 186 -2.81 -26.56 10.79
CA SER A 186 -1.75 -27.53 10.64
C SER A 186 -1.35 -27.60 9.17
N LEU A 187 -0.04 -27.65 8.93
CA LEU A 187 0.51 -27.93 7.61
C LEU A 187 1.69 -28.87 7.77
N SER A 188 2.14 -29.41 6.67
CA SER A 188 3.38 -30.15 6.66
C SER A 188 4.23 -29.56 5.55
N SER A 189 5.53 -29.57 5.77
CA SER A 189 6.47 -29.23 4.74
C SER A 189 7.31 -30.46 4.41
N VAL A 190 7.43 -30.78 3.12
CA VAL A 190 8.17 -31.95 2.67
C VAL A 190 9.22 -31.54 1.64
N VAL A 191 10.24 -32.39 1.52
CA VAL A 191 11.34 -32.22 0.58
C VAL A 191 11.84 -33.60 0.17
N THR A 192 12.03 -33.81 -1.13
CA THR A 192 12.74 -34.97 -1.62
C THR A 192 14.24 -34.68 -1.77
N VAL A 193 15.04 -35.57 -1.19
CA VAL A 193 16.50 -35.51 -1.09
C VAL A 193 17.03 -36.83 -1.64
N PRO A 194 18.30 -36.89 -2.06
CA PRO A 194 18.85 -38.22 -2.40
C PRO A 194 18.92 -39.11 -1.17
N SER A 195 18.51 -40.38 -1.33
CA SER A 195 18.51 -41.32 -0.20
C SER A 195 19.92 -41.65 0.23
N SER A 196 20.87 -41.56 -0.70
CA SER A 196 22.29 -41.72 -0.39
C SER A 196 22.79 -40.66 0.59
N SER A 197 22.29 -39.42 0.45
CA SER A 197 22.64 -38.28 1.28
C SER A 197 22.24 -38.40 2.75
N LEU A 198 21.25 -39.26 3.08
CA LEU A 198 20.66 -39.36 4.42
C LEU A 198 21.67 -39.68 5.50
N GLY A 199 22.71 -40.46 5.16
CA GLY A 199 23.79 -40.71 6.09
C GLY A 199 24.64 -39.50 6.38
N THR A 200 24.77 -38.57 5.44
CA THR A 200 25.74 -37.49 5.55
C THR A 200 25.14 -36.11 5.69
N GLN A 201 24.03 -35.81 4.99
CA GLN A 201 23.50 -34.46 5.03
C GLN A 201 22.63 -34.24 6.27
N THR A 202 22.74 -33.04 6.83
CA THR A 202 21.90 -32.60 7.93
C THR A 202 20.66 -31.91 7.37
N TYR A 203 19.50 -32.17 7.98
CA TYR A 203 18.21 -31.63 7.53
C TYR A 203 17.45 -31.04 8.71
N ILE A 204 17.36 -29.72 8.76
CA ILE A 204 16.58 -29.03 9.78
C ILE A 204 15.45 -28.27 9.08
N CYS A 205 14.32 -28.11 9.76
CA CYS A 205 13.27 -27.28 9.21
C CYS A 205 13.10 -26.07 10.12
N ASN A 206 13.09 -24.90 9.52
CA ASN A 206 13.04 -23.63 10.21
C ASN A 206 11.61 -23.13 10.06
N VAL A 207 10.84 -23.29 11.12
CA VAL A 207 9.47 -22.83 11.18
C VAL A 207 9.44 -21.53 11.97
N ASN A 208 8.76 -20.52 11.45
CA ASN A 208 8.51 -19.32 12.22
C ASN A 208 7.03 -18.96 12.14
N HIS A 209 6.46 -18.65 13.29
CA HIS A 209 5.09 -18.21 13.49
C HIS A 209 5.17 -16.87 14.19
N LYS A 210 5.18 -15.80 13.39
CA LYS A 210 5.22 -14.41 13.83
C LYS A 210 4.18 -13.97 14.88
N PRO A 211 2.91 -14.45 14.93
CA PRO A 211 2.02 -13.96 16.00
C PRO A 211 2.38 -14.42 17.41
N SER A 212 3.01 -15.56 17.60
CA SER A 212 3.51 -15.92 18.92
C SER A 212 5.01 -15.69 19.05
N ASN A 213 5.63 -15.05 18.04
CA ASN A 213 7.09 -14.86 17.88
C ASN A 213 7.87 -16.17 18.00
N THR A 214 7.30 -17.26 17.49
CA THR A 214 7.80 -18.61 17.74
C THR A 214 8.69 -19.00 16.55
N LYS A 215 10.00 -19.07 16.79
CA LYS A 215 10.93 -19.57 15.80
C LYS A 215 11.48 -20.90 16.32
N VAL A 216 11.15 -21.99 15.63
CA VAL A 216 11.58 -23.34 15.95
C VAL A 216 12.46 -23.83 14.80
N ASP A 217 13.59 -24.46 15.15
CA ASP A 217 14.31 -25.35 14.24
C ASP A 217 14.15 -26.78 14.75
N LYS A 218 13.85 -27.70 13.84
CA LYS A 218 13.73 -29.11 14.23
C LYS A 218 14.50 -29.95 13.24
N LYS A 219 15.45 -30.72 13.76
CA LYS A 219 16.28 -31.61 12.97
C LYS A 219 15.48 -32.85 12.61
N VAL A 220 15.47 -33.21 11.32
CA VAL A 220 14.74 -34.37 10.79
C VAL A 220 15.76 -35.44 10.42
N GLU A 221 15.90 -36.49 11.26
CA GLU A 221 16.86 -37.59 11.16
C GLU A 221 16.18 -38.91 10.76
N PRO A 222 16.91 -39.84 10.14
CA PRO A 222 16.32 -41.17 9.87
C PRO A 222 16.10 -42.03 11.11
N GLU B 1 -32.77 -13.83 -5.81
CA GLU B 1 -31.34 -13.93 -6.00
C GLU B 1 -30.95 -14.71 -7.25
N ILE B 2 -30.21 -14.09 -8.17
CA ILE B 2 -29.75 -14.81 -9.35
C ILE B 2 -28.58 -15.69 -8.94
N VAL B 3 -28.69 -17.00 -9.17
CA VAL B 3 -27.54 -17.87 -8.97
C VAL B 3 -26.83 -18.04 -10.30
N LEU B 4 -25.52 -17.83 -10.31
CA LEU B 4 -24.70 -18.02 -11.49
C LEU B 4 -23.88 -19.29 -11.27
N THR B 5 -23.84 -20.15 -12.29
CA THR B 5 -23.20 -21.46 -12.24
C THR B 5 -22.12 -21.50 -13.31
N GLN B 6 -20.87 -21.47 -12.87
CA GLN B 6 -19.76 -21.47 -13.80
C GLN B 6 -19.41 -22.89 -14.15
N SER B 7 -19.07 -23.09 -15.41
CA SER B 7 -18.86 -24.39 -15.99
C SER B 7 -17.73 -24.30 -17.01
N PRO B 8 -16.78 -25.26 -17.02
CA PRO B 8 -16.54 -26.34 -16.06
C PRO B 8 -15.90 -25.79 -14.80
N ALA B 9 -15.83 -26.57 -13.74
CA ALA B 9 -15.20 -26.06 -12.52
C ALA B 9 -13.69 -25.88 -12.71
N THR B 10 -13.08 -26.69 -13.56
CA THR B 10 -11.67 -26.60 -13.89
C THR B 10 -11.55 -26.84 -15.39
N LEU B 11 -10.75 -26.00 -16.06
CA LEU B 11 -10.44 -26.16 -17.47
C LEU B 11 -8.95 -26.44 -17.60
N SER B 12 -8.60 -27.48 -18.35
CA SER B 12 -7.21 -27.92 -18.45
C SER B 12 -6.76 -27.73 -19.89
N LEU B 13 -5.94 -26.71 -20.11
CA LEU B 13 -5.56 -26.31 -21.46
C LEU B 13 -4.09 -25.95 -21.50
N SER B 14 -3.54 -25.96 -22.70
CA SER B 14 -2.17 -25.57 -23.05
C SER B 14 -2.17 -24.13 -23.55
N PRO B 15 -1.06 -23.40 -23.43
CA PRO B 15 -1.04 -22.02 -23.94
C PRO B 15 -1.05 -21.98 -25.45
N GLY B 16 -1.70 -20.94 -25.98
CA GLY B 16 -1.99 -20.84 -27.39
C GLY B 16 -3.39 -21.30 -27.77
N GLU B 17 -4.07 -22.04 -26.90
CA GLU B 17 -5.37 -22.62 -27.23
C GLU B 17 -6.48 -21.67 -26.81
N ARG B 18 -7.61 -21.75 -27.51
CA ARG B 18 -8.78 -20.96 -27.14
C ARG B 18 -9.43 -21.57 -25.92
N ALA B 19 -9.71 -20.73 -24.94
CA ALA B 19 -10.36 -21.12 -23.70
C ALA B 19 -11.78 -20.60 -23.71
N THR B 20 -12.72 -21.49 -23.41
CA THR B 20 -14.14 -21.15 -23.41
C THR B 20 -14.67 -21.45 -22.04
N LEU B 21 -15.18 -20.43 -21.37
CA LEU B 21 -15.66 -20.53 -20.01
C LEU B 21 -17.12 -20.15 -20.03
N SER B 22 -17.94 -20.94 -19.37
CA SER B 22 -19.38 -20.76 -19.42
C SER B 22 -19.85 -20.30 -18.06
N CYS B 23 -20.86 -19.44 -18.08
CA CYS B 23 -21.58 -18.98 -16.91
C CYS B 23 -23.05 -19.16 -17.25
N ARG B 24 -23.76 -19.86 -16.41
CA ARG B 24 -25.18 -20.08 -16.60
C ARG B 24 -25.90 -19.31 -15.51
N THR B 25 -26.97 -18.64 -15.86
CA THR B 25 -27.72 -17.88 -14.87
C THR B 25 -29.03 -18.61 -14.57
N SER B 26 -29.49 -18.51 -13.33
CA SER B 26 -30.71 -19.19 -12.89
C SER B 26 -31.98 -18.53 -13.42
N GLN B 27 -31.90 -17.28 -13.88
CA GLN B 27 -32.96 -16.58 -14.58
C GLN B 27 -32.38 -16.04 -15.87
N SER B 28 -33.24 -15.75 -16.86
CA SER B 28 -32.76 -15.10 -18.08
C SER B 28 -32.35 -13.65 -17.82
N LEU B 29 -31.24 -13.21 -18.45
CA LEU B 29 -30.72 -11.85 -18.36
C LEU B 29 -30.45 -11.29 -19.76
N SER B 30 -30.85 -10.03 -19.99
CA SER B 30 -30.59 -9.39 -21.28
C SER B 30 -29.45 -8.39 -21.21
N ILE B 31 -29.01 -8.04 -20.02
CA ILE B 31 -27.88 -7.17 -19.81
C ILE B 31 -26.69 -8.07 -19.52
N SER B 32 -25.55 -7.75 -20.16
CA SER B 32 -24.34 -8.55 -20.14
C SER B 32 -23.77 -8.74 -18.73
N LEU B 33 -22.94 -9.75 -18.60
CA LEU B 33 -22.24 -10.06 -17.37
C LEU B 33 -20.91 -9.32 -17.33
N VAL B 34 -20.27 -9.38 -16.17
CA VAL B 34 -18.98 -8.76 -15.94
C VAL B 34 -18.01 -9.88 -15.49
N TRP B 35 -16.81 -9.94 -16.08
CA TRP B 35 -15.87 -10.99 -15.77
C TRP B 35 -14.61 -10.42 -15.11
N TYR B 36 -14.07 -11.20 -14.14
CA TYR B 36 -12.92 -10.91 -13.29
C TYR B 36 -11.94 -12.09 -13.26
N GLN B 37 -10.66 -11.77 -13.05
CA GLN B 37 -9.59 -12.75 -12.94
C GLN B 37 -8.97 -12.69 -11.54
N GLN B 38 -8.56 -13.83 -10.99
CA GLN B 38 -7.87 -13.85 -9.71
C GLN B 38 -6.77 -14.89 -9.75
N LYS B 39 -5.55 -14.43 -9.63
CA LYS B 39 -4.33 -15.20 -9.45
C LYS B 39 -4.15 -15.47 -7.95
N PRO B 40 -3.45 -16.53 -7.52
CA PRO B 40 -3.45 -16.88 -6.09
C PRO B 40 -2.71 -15.89 -5.20
N GLY B 41 -3.32 -15.58 -4.06
CA GLY B 41 -2.77 -14.60 -3.15
C GLY B 41 -3.04 -13.17 -3.54
N GLN B 42 -3.77 -12.93 -4.62
CA GLN B 42 -3.94 -11.61 -5.19
C GLN B 42 -5.40 -11.22 -5.14
N ALA B 43 -5.62 -9.91 -5.16
CA ALA B 43 -6.96 -9.37 -5.34
C ALA B 43 -7.51 -9.71 -6.73
N PRO B 44 -8.83 -9.78 -6.86
CA PRO B 44 -9.40 -9.89 -8.20
C PRO B 44 -9.25 -8.59 -8.96
N ARG B 45 -9.11 -8.70 -10.27
CA ARG B 45 -9.07 -7.52 -11.12
C ARG B 45 -10.12 -7.66 -12.22
N LEU B 46 -10.71 -6.53 -12.62
CA LEU B 46 -11.69 -6.48 -13.69
C LEU B 46 -11.09 -6.87 -15.03
N LEU B 47 -11.75 -7.79 -15.72
CA LEU B 47 -11.29 -8.11 -17.06
C LEU B 47 -12.17 -7.47 -18.09
N ILE B 48 -13.43 -7.86 -18.13
CA ILE B 48 -14.29 -7.40 -19.21
C ILE B 48 -15.67 -7.07 -18.66
N SER B 49 -16.33 -6.10 -19.29
CA SER B 49 -17.61 -5.56 -18.83
C SER B 49 -18.79 -5.79 -19.77
N ASP B 50 -18.55 -5.98 -21.08
CA ASP B 50 -19.61 -6.07 -22.08
C ASP B 50 -19.12 -7.06 -23.12
N ALA B 51 -19.52 -6.92 -24.38
CA ALA B 51 -18.86 -7.68 -25.45
C ALA B 51 -17.36 -7.38 -25.53
N SER B 52 -16.97 -6.09 -25.54
CA SER B 52 -15.56 -5.74 -25.74
C SER B 52 -15.02 -4.73 -24.74
N ASN B 53 -15.74 -4.44 -23.65
CA ASN B 53 -15.32 -3.41 -22.71
C ASN B 53 -14.29 -4.00 -21.73
N ARG B 54 -13.08 -4.15 -22.26
CA ARG B 54 -11.97 -4.54 -21.43
C ARG B 54 -11.54 -3.35 -20.55
N ALA B 55 -11.01 -3.68 -19.37
CA ALA B 55 -10.48 -2.71 -18.43
C ALA B 55 -9.14 -2.20 -18.93
N PRO B 56 -8.64 -1.08 -18.39
CA PRO B 56 -7.26 -0.66 -18.68
C PRO B 56 -6.22 -1.74 -18.37
N GLY B 57 -5.34 -1.97 -19.33
CA GLY B 57 -4.32 -2.98 -19.19
C GLY B 57 -4.77 -4.40 -19.52
N ILE B 58 -6.03 -4.63 -19.89
CA ILE B 58 -6.52 -5.95 -20.19
C ILE B 58 -6.43 -6.16 -21.71
N PRO B 59 -5.68 -7.14 -22.17
CA PRO B 59 -5.41 -7.28 -23.62
C PRO B 59 -6.61 -7.86 -24.37
N ALA B 60 -6.52 -7.76 -25.70
CA ALA B 60 -7.64 -7.99 -26.61
C ALA B 60 -8.06 -9.46 -26.72
N ARG B 61 -7.26 -10.40 -26.21
CA ARG B 61 -7.60 -11.82 -26.31
C ARG B 61 -8.79 -12.23 -25.45
N PHE B 62 -9.19 -11.40 -24.48
CA PHE B 62 -10.42 -11.61 -23.72
C PHE B 62 -11.62 -10.97 -24.44
N SER B 63 -12.65 -11.79 -24.69
CA SER B 63 -13.90 -11.35 -25.29
C SER B 63 -15.01 -12.02 -24.51
N ALA B 64 -16.20 -11.42 -24.54
CA ALA B 64 -17.30 -11.96 -23.78
C ALA B 64 -18.56 -11.92 -24.62
N SER B 65 -19.44 -12.90 -24.42
CA SER B 65 -20.68 -12.94 -25.19
C SER B 65 -21.73 -13.70 -24.40
N GLY B 66 -22.89 -13.81 -25.01
CA GLY B 66 -23.99 -14.59 -24.47
C GLY B 66 -25.15 -13.72 -24.05
N SER B 67 -26.29 -14.39 -23.89
CA SER B 67 -27.53 -13.74 -23.50
C SER B 67 -28.46 -14.82 -22.99
N GLY B 68 -29.64 -14.37 -22.56
CA GLY B 68 -30.63 -15.24 -21.98
C GLY B 68 -30.09 -15.85 -20.71
N THR B 69 -29.81 -17.14 -20.78
CA THR B 69 -29.26 -17.86 -19.66
C THR B 69 -27.84 -18.38 -19.90
N ASP B 70 -27.25 -18.15 -21.08
CA ASP B 70 -25.98 -18.79 -21.40
C ASP B 70 -24.95 -17.76 -21.80
N PHE B 71 -23.85 -17.72 -21.06
CA PHE B 71 -22.86 -16.67 -21.22
C PHE B 71 -21.48 -17.30 -21.28
N THR B 72 -20.60 -16.76 -22.11
CA THR B 72 -19.27 -17.32 -22.25
C THR B 72 -18.25 -16.19 -22.18
N LEU B 73 -17.13 -16.49 -21.55
CA LEU B 73 -15.89 -15.72 -21.66
C LEU B 73 -14.92 -16.51 -22.51
N THR B 74 -14.33 -15.85 -23.50
CA THR B 74 -13.42 -16.49 -24.43
C THR B 74 -12.05 -15.84 -24.31
N ILE B 75 -11.03 -16.67 -24.10
CA ILE B 75 -9.63 -16.25 -24.21
C ILE B 75 -9.11 -16.88 -25.48
N SER B 76 -8.79 -16.06 -26.49
CA SER B 76 -8.65 -16.60 -27.84
C SER B 76 -7.32 -17.32 -28.06
N SER B 77 -6.28 -16.94 -27.32
CA SER B 77 -5.09 -17.79 -27.22
C SER B 77 -4.51 -17.53 -25.85
N LEU B 78 -4.37 -18.59 -25.08
CA LEU B 78 -3.94 -18.47 -23.70
C LEU B 78 -2.48 -18.08 -23.61
N GLU B 79 -2.18 -17.28 -22.63
CA GLU B 79 -0.83 -16.96 -22.26
C GLU B 79 -0.59 -17.62 -20.92
N PRO B 80 0.68 -17.94 -20.55
CA PRO B 80 0.96 -18.54 -19.22
C PRO B 80 0.47 -17.72 -18.04
N GLU B 81 0.37 -16.38 -18.20
CA GLU B 81 -0.23 -15.48 -17.23
C GLU B 81 -1.73 -15.70 -17.04
N ASP B 82 -2.41 -16.41 -17.95
CA ASP B 82 -3.85 -16.51 -17.88
C ASP B 82 -4.35 -17.66 -17.02
N PHE B 83 -3.45 -18.50 -16.51
CA PHE B 83 -3.88 -19.66 -15.73
C PHE B 83 -4.19 -19.16 -14.32
N ALA B 84 -5.47 -19.02 -14.03
CA ALA B 84 -5.98 -18.26 -12.90
C ALA B 84 -7.40 -18.72 -12.66
N VAL B 85 -8.08 -18.08 -11.71
CA VAL B 85 -9.50 -18.30 -11.48
C VAL B 85 -10.30 -17.16 -12.15
N TYR B 86 -11.41 -17.49 -12.79
CA TYR B 86 -12.26 -16.52 -13.47
C TYR B 86 -13.65 -16.52 -12.84
N TYR B 87 -14.17 -15.33 -12.53
CA TYR B 87 -15.50 -15.15 -11.94
C TYR B 87 -16.36 -14.33 -12.88
N CYS B 88 -17.55 -14.83 -13.19
CA CYS B 88 -18.58 -13.99 -13.80
C CYS B 88 -19.36 -13.32 -12.69
N GLN B 89 -20.11 -12.29 -13.07
CA GLN B 89 -20.90 -11.53 -12.10
C GLN B 89 -22.02 -10.85 -12.86
N GLN B 90 -23.24 -10.92 -12.33
CA GLN B 90 -24.33 -10.14 -12.87
C GLN B 90 -24.47 -8.84 -12.08
N ARG B 91 -25.01 -7.82 -12.77
CA ARG B 91 -25.04 -6.44 -12.29
C ARG B 91 -26.41 -5.81 -12.59
N SER B 92 -27.42 -6.61 -12.92
CA SER B 92 -28.62 -6.06 -13.49
C SER B 92 -29.92 -6.56 -12.89
N ASN B 93 -29.91 -7.61 -12.09
CA ASN B 93 -31.04 -7.96 -11.25
C ASN B 93 -30.47 -7.97 -9.84
N TRP B 94 -30.60 -6.87 -9.12
CA TRP B 94 -29.79 -6.64 -7.93
C TRP B 94 -30.49 -5.55 -7.12
N PRO B 95 -30.30 -5.52 -5.77
CA PRO B 95 -29.56 -6.33 -4.81
C PRO B 95 -30.19 -7.71 -4.56
N PRO B 96 -29.35 -8.74 -4.32
CA PRO B 96 -27.89 -8.74 -4.24
C PRO B 96 -27.19 -8.83 -5.58
N ILE B 97 -26.06 -8.11 -5.68
CA ILE B 97 -25.09 -8.41 -6.72
C ILE B 97 -24.51 -9.80 -6.45
N THR B 98 -24.48 -10.65 -7.46
CA THR B 98 -24.07 -12.02 -7.25
C THR B 98 -23.00 -12.43 -8.24
N PHE B 99 -22.11 -13.30 -7.77
CA PHE B 99 -21.01 -13.83 -8.58
C PHE B 99 -21.23 -15.31 -8.84
N GLY B 100 -20.58 -15.79 -9.90
CA GLY B 100 -20.41 -17.21 -10.06
C GLY B 100 -19.32 -17.73 -9.13
N GLN B 101 -19.27 -19.04 -9.00
CA GLN B 101 -18.38 -19.66 -8.02
C GLN B 101 -16.94 -19.73 -8.47
N GLY B 102 -16.65 -19.50 -9.74
CA GLY B 102 -15.28 -19.57 -10.22
C GLY B 102 -15.00 -20.81 -11.06
N THR B 103 -14.27 -20.60 -12.15
CA THR B 103 -13.65 -21.65 -12.93
C THR B 103 -12.14 -21.49 -12.80
N ARG B 104 -11.44 -22.58 -12.45
CA ARG B 104 -9.98 -22.53 -12.37
C ARG B 104 -9.38 -22.95 -13.70
N LEU B 105 -8.51 -22.13 -14.26
CA LEU B 105 -7.87 -22.50 -15.52
C LEU B 105 -6.49 -23.07 -15.19
N GLU B 106 -6.32 -24.34 -15.43
CA GLU B 106 -5.14 -25.15 -15.11
C GLU B 106 -4.36 -25.47 -16.39
N MET B 107 -3.04 -25.56 -16.27
CA MET B 107 -2.21 -25.95 -17.39
C MET B 107 -2.26 -27.45 -17.61
N LYS B 108 -2.52 -27.86 -18.85
CA LYS B 108 -2.50 -29.29 -19.19
C LYS B 108 -1.07 -29.75 -19.45
N ARG B 109 -0.76 -30.94 -18.94
CA ARG B 109 0.50 -31.60 -19.22
C ARG B 109 0.22 -33.08 -19.30
N THR B 110 1.24 -33.83 -19.69
CA THR B 110 1.17 -35.28 -19.69
C THR B 110 0.96 -35.84 -18.27
N VAL B 111 0.33 -37.02 -18.26
CA VAL B 111 0.03 -37.75 -17.03
C VAL B 111 1.31 -38.11 -16.29
N ALA B 112 1.35 -37.79 -15.01
CA ALA B 112 2.48 -38.10 -14.17
C ALA B 112 1.96 -38.83 -12.94
N ALA B 113 2.53 -39.99 -12.64
CA ALA B 113 2.11 -40.75 -11.48
C ALA B 113 2.81 -40.23 -10.23
N PRO B 114 2.13 -40.23 -9.07
CA PRO B 114 2.76 -39.73 -7.85
C PRO B 114 3.80 -40.68 -7.31
N SER B 115 4.72 -40.12 -6.54
CA SER B 115 5.55 -40.93 -5.66
C SER B 115 4.93 -40.86 -4.28
N VAL B 116 4.73 -42.02 -3.67
CA VAL B 116 3.95 -42.17 -2.44
C VAL B 116 4.91 -42.46 -1.31
N PHE B 117 4.73 -41.78 -0.19
CA PHE B 117 5.57 -41.96 0.97
C PHE B 117 4.68 -41.92 2.20
N ILE B 118 4.98 -42.72 3.19
CA ILE B 118 4.20 -42.73 4.43
C ILE B 118 5.16 -42.39 5.55
N PHE B 119 4.70 -41.57 6.48
CA PHE B 119 5.48 -41.14 7.63
C PHE B 119 4.76 -41.54 8.91
N PRO B 120 5.41 -42.36 9.74
CA PRO B 120 4.88 -42.71 11.07
C PRO B 120 4.94 -41.52 12.01
N PRO B 121 4.16 -41.53 13.10
CA PRO B 121 4.29 -40.47 14.11
C PRO B 121 5.61 -40.56 14.82
N SER B 122 6.16 -39.40 15.15
CA SER B 122 7.39 -39.28 15.91
C SER B 122 7.13 -39.61 17.37
N ASP B 123 8.21 -39.95 18.08
CA ASP B 123 8.11 -40.21 19.52
C ASP B 123 7.77 -38.94 20.29
N GLU B 124 8.22 -37.79 19.77
CA GLU B 124 7.94 -36.49 20.37
C GLU B 124 6.47 -36.14 20.25
N GLN B 125 5.83 -36.49 19.14
CA GLN B 125 4.38 -36.30 19.02
C GLN B 125 3.62 -37.30 19.87
N LEU B 126 4.15 -38.52 20.01
CA LEU B 126 3.48 -39.56 20.79
C LEU B 126 3.50 -39.27 22.29
N LYS B 127 4.42 -38.43 22.77
CA LYS B 127 4.37 -37.98 24.17
C LYS B 127 3.12 -37.11 24.43
N SER B 128 2.68 -36.34 23.42
CA SER B 128 1.56 -35.40 23.59
C SER B 128 0.20 -36.07 23.68
N GLY B 129 0.07 -37.32 23.24
CA GLY B 129 -1.20 -38.02 23.29
C GLY B 129 -1.89 -38.13 21.95
N THR B 130 -1.35 -37.50 20.90
CA THR B 130 -1.87 -37.56 19.56
C THR B 130 -0.83 -38.20 18.65
N ALA B 131 -1.30 -38.96 17.67
CA ALA B 131 -0.47 -39.58 16.66
C ALA B 131 -0.95 -39.10 15.30
N SER B 132 -0.06 -38.49 14.52
CA SER B 132 -0.34 -38.17 13.12
C SER B 132 0.43 -39.09 12.20
N VAL B 133 -0.28 -39.70 11.24
CA VAL B 133 0.33 -40.47 10.16
C VAL B 133 0.10 -39.70 8.87
N VAL B 134 1.17 -39.47 8.11
CA VAL B 134 1.14 -38.61 6.94
C VAL B 134 1.48 -39.41 5.68
N CYS B 135 0.64 -39.31 4.66
CA CYS B 135 0.93 -39.89 3.35
C CYS B 135 1.17 -38.74 2.38
N LEU B 136 2.18 -38.88 1.57
CA LEU B 136 2.64 -37.85 0.64
C LEU B 136 2.56 -38.43 -0.76
N LEU B 137 1.96 -37.67 -1.64
CA LEU B 137 1.94 -37.94 -3.07
C LEU B 137 2.72 -36.79 -3.68
N ASN B 138 3.86 -37.09 -4.28
CA ASN B 138 4.73 -36.06 -4.84
C ASN B 138 4.65 -36.08 -6.36
N ASN B 139 4.43 -34.89 -6.94
CA ASN B 139 4.68 -34.54 -8.36
C ASN B 139 3.82 -35.34 -9.35
N PHE B 140 2.51 -35.25 -9.18
CA PHE B 140 1.59 -35.97 -10.04
C PHE B 140 0.71 -35.01 -10.85
N TYR B 141 0.21 -35.53 -11.99
CA TYR B 141 -0.75 -34.87 -12.86
C TYR B 141 -1.64 -35.96 -13.43
N PRO B 142 -2.97 -35.78 -13.44
CA PRO B 142 -3.82 -34.65 -12.98
C PRO B 142 -4.04 -34.66 -11.48
N ARG B 143 -4.77 -33.67 -10.98
CA ARG B 143 -5.02 -33.53 -9.54
C ARG B 143 -5.89 -34.63 -8.96
N GLU B 144 -6.72 -35.32 -9.78
CA GLU B 144 -7.64 -36.35 -9.32
C GLU B 144 -6.88 -37.55 -8.78
N ALA B 145 -7.03 -37.81 -7.48
CA ALA B 145 -6.31 -38.88 -6.79
C ALA B 145 -7.19 -39.32 -5.65
N LYS B 146 -7.23 -40.63 -5.40
CA LYS B 146 -7.91 -41.17 -4.23
C LYS B 146 -6.88 -41.75 -3.28
N VAL B 147 -7.01 -41.38 -2.01
CA VAL B 147 -6.11 -41.76 -0.95
C VAL B 147 -6.99 -42.33 0.13
N GLN B 148 -6.69 -43.55 0.55
CA GLN B 148 -7.46 -44.25 1.56
C GLN B 148 -6.51 -44.70 2.67
N TRP B 149 -6.90 -44.46 3.91
CA TRP B 149 -6.15 -44.93 5.05
C TRP B 149 -6.71 -46.26 5.56
N LYS B 150 -5.81 -47.19 5.86
CA LYS B 150 -6.23 -48.49 6.38
C LYS B 150 -5.36 -48.87 7.57
N VAL B 151 -6.00 -49.01 8.72
CA VAL B 151 -5.37 -49.40 9.97
C VAL B 151 -5.85 -50.81 10.30
N ASP B 152 -4.89 -51.76 10.32
CA ASP B 152 -5.11 -53.22 10.41
C ASP B 152 -6.20 -53.70 9.44
N ASN B 153 -6.11 -53.20 8.20
CA ASN B 153 -7.02 -53.41 7.06
C ASN B 153 -8.43 -52.88 7.30
N ALA B 154 -8.66 -52.03 8.29
CA ALA B 154 -9.95 -51.38 8.43
C ALA B 154 -9.86 -49.98 7.83
N LEU B 155 -10.79 -49.66 6.95
CA LEU B 155 -10.81 -48.39 6.23
C LEU B 155 -11.09 -47.25 7.21
N GLN B 156 -10.29 -46.20 7.16
CA GLN B 156 -10.50 -45.05 8.04
C GLN B 156 -11.45 -44.06 7.40
N SER B 157 -12.31 -43.46 8.21
CA SER B 157 -13.31 -42.55 7.66
C SER B 157 -13.47 -41.37 8.61
N GLY B 158 -13.48 -40.15 8.06
CA GLY B 158 -13.72 -38.96 8.87
C GLY B 158 -12.63 -38.58 9.86
N ASN B 159 -11.40 -39.11 9.74
CA ASN B 159 -10.30 -38.74 10.63
C ASN B 159 -9.03 -38.37 9.87
N SER B 160 -9.12 -38.13 8.57
CA SER B 160 -7.99 -37.63 7.79
C SER B 160 -8.35 -36.31 7.11
N GLN B 161 -7.34 -35.49 6.85
CA GLN B 161 -7.50 -34.23 6.12
C GLN B 161 -6.47 -34.14 5.01
N GLU B 162 -6.89 -33.61 3.86
CA GLU B 162 -6.00 -33.52 2.71
C GLU B 162 -5.67 -32.08 2.36
N SER B 163 -4.44 -31.89 1.90
CA SER B 163 -3.99 -30.57 1.48
C SER B 163 -3.24 -30.75 0.17
N VAL B 164 -3.63 -29.98 -0.86
CA VAL B 164 -3.04 -30.03 -2.19
C VAL B 164 -2.31 -28.74 -2.45
N THR B 165 -1.13 -28.83 -3.07
CA THR B 165 -0.43 -27.63 -3.45
C THR B 165 -1.12 -26.94 -4.63
N GLU B 166 -0.74 -25.69 -4.86
CA GLU B 166 -0.98 -25.05 -6.14
C GLU B 166 -0.18 -25.77 -7.20
N GLN B 167 -0.68 -25.71 -8.44
CA GLN B 167 0.04 -26.28 -9.58
C GLN B 167 1.40 -25.61 -9.73
N ASP B 168 2.45 -26.45 -9.81
CA ASP B 168 3.84 -25.99 -9.82
C ASP B 168 4.14 -25.25 -11.11
N SER B 169 4.77 -24.07 -11.00
CA SER B 169 5.02 -23.24 -12.17
C SER B 169 6.06 -23.82 -13.12
N LYS B 170 6.99 -24.63 -12.61
CA LYS B 170 8.03 -25.19 -13.45
C LYS B 170 7.58 -26.44 -14.22
N ASP B 171 6.85 -27.39 -13.57
CA ASP B 171 6.56 -28.68 -14.21
C ASP B 171 5.08 -29.05 -14.32
N SER B 172 4.18 -28.21 -13.76
CA SER B 172 2.71 -28.36 -13.83
C SER B 172 2.20 -29.61 -13.10
N THR B 173 2.83 -29.95 -11.98
CA THR B 173 2.40 -31.09 -11.19
C THR B 173 1.77 -30.62 -9.88
N TYR B 174 1.17 -31.56 -9.17
CA TYR B 174 0.62 -31.28 -7.86
C TYR B 174 1.28 -32.21 -6.85
N SER B 175 1.16 -31.83 -5.58
CA SER B 175 1.55 -32.70 -4.49
C SER B 175 0.45 -32.64 -3.44
N LEU B 176 0.28 -33.74 -2.75
CA LEU B 176 -0.85 -33.90 -1.84
C LEU B 176 -0.33 -34.53 -0.57
N SER B 177 -0.90 -34.11 0.56
CA SER B 177 -0.63 -34.72 1.85
C SER B 177 -1.96 -35.11 2.45
N SER B 178 -2.06 -36.37 2.89
CA SER B 178 -3.16 -36.84 3.68
C SER B 178 -2.66 -37.07 5.10
N THR B 179 -3.35 -36.52 6.08
CA THR B 179 -2.96 -36.66 7.48
C THR B 179 -4.08 -37.34 8.24
N LEU B 180 -3.76 -38.51 8.76
CA LEU B 180 -4.64 -39.28 9.62
C LEU B 180 -4.23 -38.95 11.05
N THR B 181 -5.16 -38.43 11.84
CA THR B 181 -4.87 -38.09 13.24
C THR B 181 -5.65 -39.04 14.14
N LEU B 182 -4.93 -39.77 14.99
CA LEU B 182 -5.50 -40.67 15.99
C LEU B 182 -5.06 -40.22 17.38
N SER B 183 -5.74 -40.74 18.39
CA SER B 183 -5.21 -40.65 19.74
C SER B 183 -4.03 -41.62 19.90
N LYS B 184 -3.22 -41.41 20.94
CA LYS B 184 -2.10 -42.31 21.23
C LYS B 184 -2.57 -43.72 21.59
N ALA B 185 -3.68 -43.80 22.33
CA ALA B 185 -4.27 -45.07 22.76
C ALA B 185 -4.83 -45.86 21.59
N ASP B 186 -5.46 -45.17 20.64
CA ASP B 186 -5.91 -45.87 19.44
C ASP B 186 -4.74 -46.18 18.52
N TYR B 187 -3.65 -45.42 18.60
CA TYR B 187 -2.51 -45.69 17.74
C TYR B 187 -1.79 -46.96 18.15
N GLU B 188 -1.66 -47.21 19.45
CA GLU B 188 -0.93 -48.41 19.86
C GLU B 188 -1.81 -49.63 20.01
N LYS B 189 -3.12 -49.50 19.76
CA LYS B 189 -4.04 -50.64 19.72
C LYS B 189 -3.82 -51.50 18.47
N HIS B 190 -3.18 -50.96 17.44
CA HIS B 190 -3.07 -51.64 16.15
C HIS B 190 -1.64 -51.64 15.63
N LYS B 191 -1.42 -52.46 14.59
CA LYS B 191 -0.10 -52.78 14.09
C LYS B 191 0.26 -52.15 12.75
N VAL B 192 -0.57 -52.30 11.71
CA VAL B 192 -0.20 -51.95 10.34
C VAL B 192 -0.96 -50.72 9.89
N TYR B 193 -0.22 -49.75 9.39
CA TYR B 193 -0.77 -48.46 8.99
C TYR B 193 -0.45 -48.31 7.52
N ALA B 194 -1.50 -48.18 6.71
CA ALA B 194 -1.36 -48.24 5.27
C ALA B 194 -2.10 -47.08 4.59
N CYS B 195 -1.48 -46.64 3.52
CA CYS B 195 -1.93 -45.58 2.66
C CYS B 195 -2.12 -46.18 1.27
N GLU B 196 -3.32 -46.08 0.71
CA GLU B 196 -3.61 -46.62 -0.61
C GLU B 196 -3.95 -45.49 -1.58
N VAL B 197 -3.23 -45.43 -2.69
CA VAL B 197 -3.32 -44.33 -3.64
C VAL B 197 -3.79 -44.85 -4.97
N THR B 198 -4.89 -44.32 -5.47
CA THR B 198 -5.38 -44.61 -6.80
C THR B 198 -5.20 -43.35 -7.64
N HIS B 199 -4.58 -43.51 -8.81
CA HIS B 199 -4.32 -42.42 -9.72
C HIS B 199 -4.31 -42.98 -11.14
N GLN B 200 -4.62 -42.12 -12.09
CA GLN B 200 -4.65 -42.46 -13.52
C GLN B 200 -3.26 -42.88 -14.07
N GLY B 201 -2.18 -42.31 -13.55
CA GLY B 201 -0.83 -42.68 -13.98
C GLY B 201 -0.33 -44.02 -13.45
N LEU B 202 -0.91 -44.50 -12.35
CA LEU B 202 -0.55 -45.78 -11.76
C LEU B 202 -1.29 -46.92 -12.45
N SER B 203 -0.55 -47.95 -12.87
CA SER B 203 -1.16 -49.15 -13.48
C SER B 203 -2.06 -49.87 -12.49
N SER B 204 -1.68 -49.89 -11.22
CA SER B 204 -2.43 -50.46 -10.11
C SER B 204 -2.29 -49.52 -8.93
N PRO B 205 -3.27 -49.46 -8.01
CA PRO B 205 -3.13 -48.59 -6.84
C PRO B 205 -1.97 -48.99 -5.95
N VAL B 206 -1.25 -47.98 -5.53
CA VAL B 206 -0.03 -48.15 -4.76
C VAL B 206 -0.38 -48.14 -3.27
N THR B 207 0.10 -49.15 -2.55
CA THR B 207 0.00 -49.18 -1.09
C THR B 207 1.38 -48.97 -0.45
N LYS B 208 1.45 -48.00 0.46
CA LYS B 208 2.62 -47.78 1.30
C LYS B 208 2.21 -48.03 2.75
N SER B 209 2.90 -48.94 3.42
CA SER B 209 2.51 -49.28 4.78
C SER B 209 3.73 -49.35 5.68
N PHE B 210 3.46 -49.34 6.98
CA PHE B 210 4.47 -49.70 7.95
C PHE B 210 3.80 -50.44 9.09
N ASN B 211 4.63 -51.15 9.85
CA ASN B 211 4.26 -51.72 11.14
C ASN B 211 4.71 -50.75 12.21
N ARG B 212 3.80 -50.41 13.13
CA ARG B 212 4.15 -49.67 14.34
C ARG B 212 5.12 -50.48 15.18
N GLY B 213 6.16 -49.82 15.70
CA GLY B 213 7.21 -50.51 16.39
C GLY B 213 8.36 -50.93 15.53
N GLU B 214 8.44 -50.40 14.29
CA GLU B 214 9.46 -50.65 13.27
C GLU B 214 9.65 -52.15 13.01
N CYS B 215 8.58 -52.71 12.44
CA CYS B 215 8.38 -54.15 12.11
C CYS B 215 8.48 -55.07 13.31
N THR C 16 -51.64 5.08 -7.63
CA THR C 16 -50.85 4.93 -6.40
C THR C 16 -49.44 4.44 -6.71
N GLU C 17 -48.51 4.71 -5.79
CA GLU C 17 -47.10 4.38 -6.00
C GLU C 17 -46.88 2.87 -5.98
N SER C 18 -47.22 2.22 -4.87
CA SER C 18 -47.01 0.78 -4.75
C SER C 18 -48.02 -0.05 -5.54
N GLY C 19 -49.15 0.53 -5.92
CA GLY C 19 -50.08 -0.14 -6.82
C GLY C 19 -50.95 -1.18 -6.12
N ASP C 20 -51.31 -2.22 -6.89
CA ASP C 20 -51.97 -3.39 -6.32
C ASP C 20 -51.01 -4.29 -5.55
N THR C 21 -49.69 -4.13 -5.74
CA THR C 21 -48.71 -4.88 -4.97
C THR C 21 -48.68 -4.40 -3.52
N ALA C 22 -48.49 -5.36 -2.62
CA ALA C 22 -48.39 -5.06 -1.19
C ALA C 22 -46.91 -4.99 -0.79
N VAL C 23 -46.28 -3.89 -1.20
CA VAL C 23 -44.90 -3.58 -0.85
C VAL C 23 -44.88 -2.29 -0.05
N SER C 24 -44.33 -2.35 1.17
CA SER C 24 -44.10 -1.14 1.97
C SER C 24 -42.95 -0.33 1.39
N GLU C 25 -42.88 0.95 1.79
CA GLU C 25 -41.94 1.89 1.17
C GLU C 25 -40.49 1.61 1.58
N ASP C 26 -40.29 0.99 2.74
CA ASP C 26 -38.95 0.58 3.15
C ASP C 26 -38.48 -0.68 2.40
N SER C 27 -39.42 -1.53 1.97
CA SER C 27 -39.14 -2.72 1.14
C SER C 27 -39.04 -2.41 -0.36
N TYR C 28 -38.99 -1.14 -0.76
CA TYR C 28 -38.64 -0.83 -2.14
C TYR C 28 -37.16 -1.08 -2.37
N ASP C 29 -36.76 -1.23 -3.62
CA ASP C 29 -35.37 -1.07 -4.03
C ASP C 29 -35.28 0.26 -4.76
N LYS C 30 -34.55 1.23 -4.22
CA LYS C 30 -34.40 2.50 -4.93
C LYS C 30 -32.99 2.62 -5.50
N TYR C 31 -32.89 3.35 -6.60
CA TYR C 31 -31.67 3.44 -7.37
C TYR C 31 -31.64 4.82 -8.01
N ALA C 32 -30.43 5.37 -8.17
CA ALA C 32 -30.25 6.53 -9.01
C ALA C 32 -30.22 6.10 -10.48
N SER C 33 -30.53 7.05 -11.35
CA SER C 33 -30.37 6.83 -12.79
C SER C 33 -28.89 6.80 -13.16
N GLN C 34 -28.55 6.17 -14.29
CA GLN C 34 -27.15 6.22 -14.72
C GLN C 34 -26.95 7.50 -15.53
N ASN C 35 -26.14 8.40 -14.97
CA ASN C 35 -25.99 9.75 -15.45
C ASN C 35 -24.63 9.84 -16.12
N THR C 36 -24.65 9.95 -17.44
CA THR C 36 -23.42 10.05 -18.22
C THR C 36 -23.69 11.07 -19.31
N ASN C 37 -22.80 12.09 -19.39
CA ASN C 37 -22.71 13.02 -20.53
C ASN C 37 -24.01 13.77 -20.80
N LYS C 38 -24.59 14.29 -19.71
CA LYS C 38 -25.87 15.02 -19.63
C LYS C 38 -27.07 14.19 -20.11
N GLU C 39 -26.97 12.86 -20.06
CA GLU C 39 -28.09 11.96 -20.33
C GLU C 39 -28.29 11.05 -19.13
N TYR C 40 -29.52 11.02 -18.61
CA TYR C 40 -29.85 10.31 -17.37
C TYR C 40 -30.79 9.17 -17.73
N VAL C 41 -30.39 7.93 -17.42
CA VAL C 41 -31.01 6.73 -18.00
C VAL C 41 -31.62 5.88 -16.88
N CYS C 42 -32.90 5.51 -17.05
CA CYS C 42 -33.54 4.45 -16.26
C CYS C 42 -33.76 3.27 -17.18
N ASP C 43 -33.05 2.16 -16.91
CA ASP C 43 -33.10 0.94 -17.72
C ASP C 43 -33.70 -0.17 -16.88
N PHE C 44 -34.94 -0.56 -17.19
CA PHE C 44 -35.63 -1.53 -16.37
C PHE C 44 -35.49 -2.97 -16.87
N THR C 45 -34.76 -3.20 -17.97
CA THR C 45 -34.97 -4.38 -18.81
C THR C 45 -34.57 -5.71 -18.18
N ASP C 46 -33.84 -5.70 -17.07
CA ASP C 46 -33.58 -6.92 -16.29
C ASP C 46 -34.19 -6.88 -14.91
N GLN C 47 -34.50 -5.71 -14.42
CA GLN C 47 -34.85 -5.51 -13.04
C GLN C 47 -36.33 -5.85 -12.75
N LEU C 48 -37.15 -6.02 -13.80
CA LEU C 48 -38.59 -6.23 -13.66
C LEU C 48 -39.06 -7.64 -13.98
N LYS C 49 -38.14 -8.53 -14.34
CA LYS C 49 -38.45 -9.92 -14.69
C LYS C 49 -39.02 -10.67 -13.49
N PRO C 50 -39.82 -11.72 -13.71
CA PRO C 50 -40.37 -12.52 -12.59
C PRO C 50 -39.31 -13.18 -11.70
N THR C 51 -39.32 -12.78 -10.44
CA THR C 51 -38.47 -13.29 -9.39
C THR C 51 -39.36 -13.97 -8.35
N GLU C 52 -38.78 -14.89 -7.56
CA GLU C 52 -39.58 -15.63 -6.59
C GLU C 52 -39.97 -14.81 -5.38
N SER C 53 -39.23 -13.75 -5.08
CA SER C 53 -39.57 -12.86 -3.99
C SER C 53 -40.57 -11.79 -4.42
N GLY C 54 -41.00 -11.82 -5.68
CA GLY C 54 -41.85 -10.82 -6.27
C GLY C 54 -43.27 -10.87 -5.74
N PRO C 55 -43.99 -9.73 -5.87
CA PRO C 55 -43.59 -8.49 -6.54
C PRO C 55 -42.83 -7.50 -5.66
N LYS C 56 -41.72 -7.00 -6.21
CA LYS C 56 -40.94 -5.93 -5.61
C LYS C 56 -41.27 -4.62 -6.31
N VAL C 57 -40.96 -3.51 -5.64
CA VAL C 57 -40.93 -2.21 -6.29
C VAL C 57 -39.48 -1.87 -6.61
N LYS C 58 -39.23 -1.54 -7.88
CA LYS C 58 -37.94 -1.04 -8.33
C LYS C 58 -38.12 0.43 -8.71
N LYS C 59 -37.56 1.32 -7.91
CA LYS C 59 -37.75 2.76 -8.09
C LYS C 59 -36.46 3.40 -8.58
N CYS C 60 -36.51 4.01 -9.76
CA CYS C 60 -35.39 4.78 -10.31
C CYS C 60 -35.62 6.27 -10.06
N GLU C 61 -34.63 6.93 -9.48
CA GLU C 61 -34.77 8.31 -9.04
C GLU C 61 -33.89 9.19 -9.92
N VAL C 62 -34.54 10.13 -10.62
CA VAL C 62 -33.87 11.05 -11.53
C VAL C 62 -33.89 12.41 -10.86
N LYS C 63 -32.74 12.84 -10.35
CA LYS C 63 -32.59 14.14 -9.69
C LYS C 63 -31.97 15.10 -10.69
N VAL C 64 -32.66 16.19 -10.99
CA VAL C 64 -32.17 17.15 -11.96
C VAL C 64 -31.94 18.48 -11.26
N ASN C 65 -30.67 18.95 -11.25
CA ASN C 65 -30.34 20.32 -10.86
C ASN C 65 -29.36 20.96 -11.84
N GLU C 66 -29.35 20.52 -13.07
CA GLU C 66 -28.41 20.99 -14.07
C GLU C 66 -29.16 21.27 -15.36
N PRO C 67 -28.66 22.16 -16.22
CA PRO C 67 -29.36 22.41 -17.49
C PRO C 67 -29.16 21.33 -18.53
N LEU C 68 -30.17 21.24 -19.41
CA LEU C 68 -30.16 20.46 -20.67
C LEU C 68 -29.95 18.96 -20.43
N ILE C 69 -30.64 18.44 -19.43
CA ILE C 69 -30.59 17.00 -19.18
C ILE C 69 -31.60 16.29 -20.06
N LYS C 70 -31.13 15.28 -20.80
CA LYS C 70 -32.02 14.35 -21.50
C LYS C 70 -32.29 13.16 -20.57
N VAL C 71 -33.56 12.94 -20.27
CA VAL C 71 -34.00 11.79 -19.49
C VAL C 71 -34.46 10.69 -20.45
N LYS C 72 -33.91 9.49 -20.26
CA LYS C 72 -34.22 8.32 -21.09
C LYS C 72 -34.75 7.20 -20.21
N ILE C 73 -35.93 6.70 -20.52
CA ILE C 73 -36.53 5.61 -19.75
C ILE C 73 -36.76 4.42 -20.66
N ILE C 74 -36.13 3.31 -20.31
CA ILE C 74 -36.17 2.07 -21.08
C ILE C 74 -37.03 1.09 -20.31
N CYS C 75 -38.18 0.76 -20.87
CA CYS C 75 -39.16 -0.10 -20.26
C CYS C 75 -39.37 -1.30 -21.19
N PRO C 76 -39.19 -2.54 -20.72
CA PRO C 76 -39.19 -3.69 -21.63
C PRO C 76 -40.58 -4.01 -22.16
N LEU C 77 -40.61 -4.49 -23.39
CA LEU C 77 -41.85 -4.65 -24.14
C LEU C 77 -42.42 -6.05 -23.94
N LYS C 78 -43.73 -6.18 -24.16
CA LYS C 78 -44.43 -7.46 -24.12
C LYS C 78 -43.95 -8.32 -25.28
N GLY C 79 -43.48 -9.52 -24.97
CA GLY C 79 -42.93 -10.39 -25.98
C GLY C 79 -41.55 -10.02 -26.49
N SER C 80 -40.82 -9.12 -25.80
CA SER C 80 -39.41 -8.90 -26.13
C SER C 80 -38.58 -10.15 -25.82
N VAL C 81 -38.62 -10.60 -24.57
CA VAL C 81 -38.35 -11.99 -24.21
C VAL C 81 -39.69 -12.70 -24.13
N GLU C 82 -39.72 -13.99 -24.50
CA GLU C 82 -40.93 -14.80 -24.40
C GLU C 82 -41.28 -15.04 -22.94
N LYS C 83 -42.58 -14.95 -22.63
CA LYS C 83 -43.26 -15.32 -21.37
C LYS C 83 -42.95 -14.41 -20.18
N LEU C 84 -41.99 -13.49 -20.30
CA LEU C 84 -41.52 -12.76 -19.13
C LEU C 84 -42.10 -11.38 -19.01
N TYR C 85 -42.76 -10.87 -20.05
CA TYR C 85 -43.39 -9.56 -19.98
C TYR C 85 -44.82 -9.62 -20.50
N ASP C 86 -45.49 -10.77 -20.32
CA ASP C 86 -46.75 -11.02 -21.00
C ASP C 86 -47.90 -10.19 -20.45
N ASN C 87 -47.78 -9.63 -19.25
CA ASN C 87 -48.77 -8.71 -18.71
C ASN C 87 -48.12 -7.41 -18.28
N ILE C 88 -47.13 -6.93 -19.02
CA ILE C 88 -46.53 -5.66 -18.65
C ILE C 88 -47.43 -4.52 -19.11
N GLU C 89 -47.57 -3.50 -18.25
CA GLU C 89 -48.33 -2.31 -18.55
C GLU C 89 -47.47 -1.10 -18.22
N TYR C 90 -47.68 0.01 -18.92
CA TYR C 90 -47.02 1.26 -18.59
C TYR C 90 -48.07 2.34 -18.43
N VAL C 91 -47.89 3.18 -17.42
CA VAL C 91 -48.83 4.27 -17.16
C VAL C 91 -47.96 5.50 -16.95
N PRO C 92 -48.24 6.64 -17.61
CA PRO C 92 -49.28 6.96 -18.60
C PRO C 92 -49.00 6.38 -19.98
N LYS C 93 -50.08 6.04 -20.70
CA LYS C 93 -49.95 5.50 -22.04
C LYS C 93 -49.37 6.52 -23.01
N LYS C 94 -49.62 7.80 -22.78
CA LYS C 94 -49.11 8.86 -23.64
C LYS C 94 -47.83 9.50 -23.08
N SER C 95 -46.99 8.71 -22.43
CA SER C 95 -45.70 9.18 -21.94
C SER C 95 -44.76 9.50 -23.11
N PRO C 96 -43.89 10.53 -22.99
CA PRO C 96 -43.61 11.40 -21.84
C PRO C 96 -44.42 12.68 -21.82
N TYR C 97 -45.29 12.86 -22.81
CA TYR C 97 -46.11 14.06 -22.90
C TYR C 97 -47.08 14.17 -21.73
N VAL C 98 -47.61 13.03 -21.28
CA VAL C 98 -48.42 12.92 -20.07
C VAL C 98 -47.59 12.19 -19.04
N VAL C 99 -47.61 12.70 -17.80
CA VAL C 99 -46.91 12.10 -16.66
C VAL C 99 -47.89 11.98 -15.50
N LEU C 100 -47.47 11.30 -14.45
CA LEU C 100 -48.25 11.20 -13.23
C LEU C 100 -47.68 12.16 -12.18
N THR C 101 -48.55 12.78 -11.42
CA THR C 101 -48.18 13.68 -10.35
C THR C 101 -48.89 13.15 -9.13
N LYS C 102 -48.27 13.31 -7.98
CA LYS C 102 -48.86 12.85 -6.75
C LYS C 102 -49.45 14.06 -6.06
N GLU C 103 -50.77 14.15 -6.07
CA GLU C 103 -51.43 15.10 -5.20
C GLU C 103 -51.70 14.31 -3.92
N GLU C 104 -52.28 14.99 -2.91
CA GLU C 104 -52.43 14.39 -1.58
C GLU C 104 -53.35 13.18 -1.59
N THR C 105 -52.71 12.02 -1.37
CA THR C 105 -53.26 10.66 -1.43
C THR C 105 -53.85 10.31 -2.80
N LYS C 106 -53.28 10.86 -3.89
CA LYS C 106 -53.74 10.46 -5.23
C LYS C 106 -52.65 10.61 -6.28
N LEU C 107 -52.75 9.80 -7.35
CA LEU C 107 -51.94 9.94 -8.55
C LEU C 107 -52.81 10.41 -9.70
N LYS C 108 -52.51 11.60 -10.23
CA LYS C 108 -53.26 12.18 -11.34
C LYS C 108 -52.35 12.38 -12.55
N GLU C 109 -52.88 12.09 -13.75
CA GLU C 109 -52.17 12.40 -14.99
C GLU C 109 -52.18 13.90 -15.26
N LYS C 110 -51.03 14.43 -15.67
CA LYS C 110 -50.86 15.83 -16.02
C LYS C 110 -49.95 15.96 -17.25
N LEU C 111 -49.99 17.14 -17.87
CA LEU C 111 -49.22 17.44 -19.07
C LEU C 111 -47.83 17.95 -18.71
N LEU C 112 -46.81 17.36 -19.33
CA LEU C 112 -45.44 17.72 -18.98
C LEU C 112 -45.06 19.12 -19.49
N SER C 113 -45.65 19.56 -20.61
CA SER C 113 -45.46 20.94 -21.11
C SER C 113 -46.01 21.98 -20.14
N LYS C 114 -47.09 21.63 -19.41
CA LYS C 114 -47.69 22.50 -18.43
C LYS C 114 -46.84 22.59 -17.16
N LEU C 115 -46.25 21.47 -16.71
CA LEU C 115 -45.47 21.49 -15.48
C LEU C 115 -44.09 22.09 -15.65
N ILE C 116 -43.43 21.86 -16.78
CA ILE C 116 -42.10 22.41 -17.06
C ILE C 116 -42.13 23.26 -18.33
N TYR C 117 -41.86 24.56 -18.18
CA TYR C 117 -41.82 25.48 -19.31
C TYR C 117 -40.50 25.36 -20.06
N GLY C 118 -40.57 25.37 -21.39
CA GLY C 118 -39.40 25.23 -22.22
C GLY C 118 -39.00 23.79 -22.50
N LEU C 119 -39.88 22.84 -22.23
CA LEU C 119 -39.51 21.44 -22.31
C LEU C 119 -39.62 20.96 -23.75
N LEU C 120 -38.68 20.11 -24.15
CA LEU C 120 -38.62 19.59 -25.49
C LEU C 120 -38.74 18.08 -25.44
N ILE C 121 -39.77 17.55 -26.09
CA ILE C 121 -39.90 16.13 -26.33
C ILE C 121 -39.69 15.92 -27.81
N SER C 122 -38.64 15.19 -28.14
CA SER C 122 -38.42 14.87 -29.53
C SER C 122 -39.48 13.87 -29.98
N PRO C 123 -39.98 13.97 -31.22
CA PRO C 123 -40.99 13.00 -31.66
C PRO C 123 -40.41 11.62 -31.95
N THR C 124 -39.10 11.56 -32.18
CA THR C 124 -38.36 10.36 -32.57
C THR C 124 -37.31 10.06 -31.51
N VAL C 125 -37.09 8.78 -31.20
CA VAL C 125 -35.95 8.48 -30.36
C VAL C 125 -34.79 7.94 -31.20
N ASN C 126 -34.96 6.75 -31.75
CA ASN C 126 -33.93 6.11 -32.57
C ASN C 126 -34.57 5.66 -33.87
N GLU C 127 -35.23 6.64 -34.54
CA GLU C 127 -36.09 6.56 -35.73
C GLU C 127 -37.41 5.85 -35.48
N LYS C 128 -37.68 5.48 -34.23
CA LYS C 128 -38.97 4.98 -33.78
C LYS C 128 -39.65 6.06 -32.96
N GLU C 129 -40.92 5.82 -32.67
CA GLU C 129 -41.76 6.82 -32.01
C GLU C 129 -41.38 6.96 -30.54
N ASN C 130 -41.44 8.19 -30.02
CA ASN C 130 -41.17 8.51 -28.62
C ASN C 130 -42.41 8.18 -27.77
N ASN C 131 -42.62 6.89 -27.59
CA ASN C 131 -43.72 6.34 -26.82
C ASN C 131 -43.21 5.05 -26.22
N PHE C 132 -43.80 4.62 -25.10
CA PHE C 132 -43.37 3.39 -24.45
C PHE C 132 -43.66 2.13 -25.27
N LYS C 133 -44.55 2.20 -26.27
CA LYS C 133 -44.81 1.04 -27.12
C LYS C 133 -43.65 0.72 -28.06
N GLU C 134 -42.71 1.64 -28.24
CA GLU C 134 -41.43 1.31 -28.87
C GLU C 134 -40.34 0.99 -27.85
N GLY C 135 -40.67 0.98 -26.55
CA GLY C 135 -39.78 0.49 -25.51
C GLY C 135 -39.00 1.57 -24.78
N VAL C 136 -38.80 2.72 -25.40
CA VAL C 136 -37.99 3.78 -24.83
C VAL C 136 -38.78 5.07 -24.98
N ILE C 137 -38.82 5.86 -23.91
CA ILE C 137 -39.25 7.25 -23.98
C ILE C 137 -38.08 8.14 -23.58
N GLU C 138 -38.22 9.42 -23.89
CA GLU C 138 -37.12 10.35 -23.82
C GLU C 138 -37.66 11.78 -23.84
N PHE C 139 -37.05 12.66 -23.03
CA PHE C 139 -37.39 14.07 -23.10
C PHE C 139 -36.18 14.90 -22.68
N THR C 140 -36.22 16.21 -23.02
CA THR C 140 -35.08 17.09 -22.77
C THR C 140 -35.51 18.33 -21.99
N LEU C 141 -34.83 18.58 -20.87
CA LEU C 141 -35.16 19.65 -19.92
C LEU C 141 -34.53 20.99 -20.32
N PRO C 142 -35.20 22.11 -20.04
CA PRO C 142 -34.78 23.43 -20.59
C PRO C 142 -33.52 23.97 -19.92
N PRO C 143 -32.91 25.06 -20.45
CA PRO C 143 -31.72 25.64 -19.78
C PRO C 143 -31.97 26.24 -18.41
N VAL C 144 -33.18 26.68 -18.11
CA VAL C 144 -33.52 27.35 -16.86
C VAL C 144 -34.80 26.71 -16.36
N VAL C 145 -34.86 26.38 -15.06
CA VAL C 145 -36.11 26.01 -14.41
C VAL C 145 -36.21 26.80 -13.12
N HIS C 146 -37.32 27.51 -12.95
CA HIS C 146 -37.60 28.27 -11.75
C HIS C 146 -38.47 27.53 -10.74
N LYS C 147 -39.11 26.43 -11.13
CA LYS C 147 -40.17 25.83 -10.32
C LYS C 147 -39.86 24.36 -10.06
N ALA C 148 -39.82 23.96 -8.79
CA ALA C 148 -39.48 22.57 -8.46
C ALA C 148 -40.68 21.65 -8.70
N THR C 149 -40.46 20.58 -9.46
CA THR C 149 -41.53 19.66 -9.84
C THR C 149 -41.09 18.20 -9.66
N VAL C 150 -42.00 17.39 -9.15
CA VAL C 150 -41.79 15.94 -9.01
C VAL C 150 -42.86 15.21 -9.80
N PHE C 151 -42.45 14.34 -10.73
CA PHE C 151 -43.43 13.60 -11.51
C PHE C 151 -42.95 12.17 -11.73
N TYR C 152 -43.85 11.32 -12.22
CA TYR C 152 -43.69 9.86 -12.10
C TYR C 152 -44.06 9.16 -13.40
N PHE C 153 -43.46 7.99 -13.59
CA PHE C 153 -43.85 7.04 -14.62
C PHE C 153 -43.89 5.66 -14.00
N ILE C 154 -44.77 4.80 -14.51
CA ILE C 154 -44.92 3.44 -14.02
C ILE C 154 -44.66 2.48 -15.18
N CYS C 155 -43.81 1.50 -14.94
CA CYS C 155 -43.54 0.37 -15.84
C CYS C 155 -43.78 -0.89 -15.00
N ASP C 156 -45.00 -1.42 -15.03
CA ASP C 156 -45.44 -2.48 -14.11
C ASP C 156 -45.45 -3.86 -14.77
N ASN C 157 -44.64 -4.77 -14.23
CA ASN C 157 -44.62 -6.17 -14.65
C ASN C 157 -45.18 -7.11 -13.58
N SER C 158 -45.80 -6.57 -12.53
CA SER C 158 -46.22 -7.40 -11.40
C SER C 158 -47.48 -8.21 -11.62
N LYS C 159 -48.08 -8.21 -12.80
CA LYS C 159 -49.15 -9.14 -13.08
C LYS C 159 -48.65 -10.25 -14.00
N THR C 160 -47.36 -10.23 -14.34
CA THR C 160 -46.76 -11.30 -15.13
C THR C 160 -46.28 -12.39 -14.19
N GLU C 161 -46.74 -13.62 -14.46
CA GLU C 161 -46.42 -14.77 -13.62
C GLU C 161 -45.84 -15.87 -14.49
N ASP C 162 -44.69 -16.39 -14.09
CA ASP C 162 -44.05 -17.51 -14.79
C ASP C 162 -43.38 -18.34 -13.72
N ASP C 163 -43.73 -19.64 -13.66
CA ASP C 163 -43.13 -20.65 -12.76
C ASP C 163 -43.31 -20.31 -11.28
N ASN C 164 -44.49 -19.74 -10.91
CA ASN C 164 -44.92 -19.28 -9.57
C ASN C 164 -44.15 -18.03 -9.13
N LYS C 165 -43.45 -17.35 -10.06
CA LYS C 165 -42.66 -16.16 -9.75
C LYS C 165 -43.41 -14.95 -10.32
N LYS C 166 -43.52 -13.87 -9.55
CA LYS C 166 -44.21 -12.68 -10.03
C LYS C 166 -43.23 -11.56 -10.37
N GLY C 167 -43.56 -10.80 -11.41
CA GLY C 167 -42.75 -9.68 -11.85
C GLY C 167 -42.82 -8.48 -10.92
N ASN C 168 -42.09 -7.44 -11.28
CA ASN C 168 -41.94 -6.31 -10.37
C ASN C 168 -42.54 -5.04 -10.92
N ARG C 169 -42.80 -4.12 -10.02
CA ARG C 169 -43.38 -2.84 -10.37
C ARG C 169 -42.26 -1.81 -10.43
N GLY C 170 -42.07 -1.20 -11.60
CA GLY C 170 -41.05 -0.19 -11.77
C GLY C 170 -41.62 1.23 -11.67
N ILE C 171 -40.94 2.08 -10.89
CA ILE C 171 -41.31 3.48 -10.74
C ILE C 171 -40.13 4.33 -11.20
N VAL C 172 -40.43 5.37 -11.99
CA VAL C 172 -39.49 6.46 -12.22
C VAL C 172 -40.05 7.67 -11.49
N GLU C 173 -39.21 8.28 -10.66
CA GLU C 173 -39.54 9.54 -10.01
C GLU C 173 -38.52 10.59 -10.44
N VAL C 174 -39.00 11.59 -11.19
CA VAL C 174 -38.18 12.69 -11.66
C VAL C 174 -38.37 13.87 -10.73
N TYR C 175 -37.26 14.36 -10.18
CA TYR C 175 -37.22 15.52 -9.32
C TYR C 175 -36.47 16.60 -10.09
N VAL C 176 -37.17 17.65 -10.47
CA VAL C 176 -36.55 18.80 -11.09
C VAL C 176 -36.45 19.86 -10.01
N GLU C 177 -35.22 20.08 -9.58
CA GLU C 177 -34.89 21.17 -8.70
C GLU C 177 -34.74 22.44 -9.53
N PRO C 178 -34.87 23.62 -8.92
CA PRO C 178 -34.67 24.85 -9.69
C PRO C 178 -33.20 25.03 -10.03
N TYR C 179 -32.94 25.48 -11.26
CA TYR C 179 -31.58 25.67 -11.73
C TYR C 179 -31.56 26.83 -12.75
N GLY C 180 -30.34 27.30 -13.05
CA GLY C 180 -30.15 28.31 -14.07
C GLY C 180 -29.91 29.70 -13.53
N GLU D 1 5.58 2.77 -12.12
CA GLU D 1 6.71 2.76 -13.04
C GLU D 1 7.40 4.11 -13.01
N VAL D 2 7.01 4.94 -12.05
CA VAL D 2 7.81 6.11 -11.70
C VAL D 2 9.13 5.64 -11.12
N GLN D 3 10.24 6.12 -11.69
CA GLN D 3 11.56 5.68 -11.26
C GLN D 3 12.57 6.81 -11.29
N LEU D 4 13.42 6.84 -10.25
CA LEU D 4 14.53 7.77 -10.14
C LEU D 4 15.76 6.95 -9.81
N VAL D 5 16.75 6.96 -10.70
CA VAL D 5 17.94 6.13 -10.55
C VAL D 5 19.13 7.07 -10.44
N GLU D 6 19.73 7.16 -9.25
CA GLU D 6 20.91 8.01 -9.12
C GLU D 6 22.16 7.29 -9.55
N SER D 7 23.17 8.07 -9.93
CA SER D 7 24.52 7.60 -10.20
C SER D 7 25.49 8.77 -9.99
N GLY D 8 26.77 8.45 -9.99
CA GLY D 8 27.83 9.43 -9.90
C GLY D 8 28.49 9.55 -8.54
N GLY D 9 28.00 8.82 -7.54
CA GLY D 9 28.54 8.88 -6.19
C GLY D 9 29.92 8.26 -6.07
N GLY D 10 30.52 8.48 -4.91
CA GLY D 10 31.76 7.76 -4.63
C GLY D 10 32.55 8.46 -3.55
N LEU D 11 33.86 8.23 -3.58
CA LEU D 11 34.82 8.90 -2.70
C LEU D 11 35.52 10.02 -3.45
N VAL D 12 35.62 11.20 -2.82
CA VAL D 12 36.22 12.38 -3.45
C VAL D 12 37.03 13.14 -2.40
N LYS D 13 38.16 13.71 -2.82
CA LYS D 13 39.04 14.47 -1.95
C LYS D 13 38.40 15.80 -1.54
N PRO D 14 38.72 16.33 -0.35
CA PRO D 14 38.18 17.63 0.07
C PRO D 14 38.66 18.78 -0.82
N GLY D 15 37.72 19.68 -1.14
CA GLY D 15 37.95 20.71 -2.12
C GLY D 15 37.73 20.27 -3.56
N GLY D 16 37.45 18.98 -3.79
CA GLY D 16 37.27 18.45 -5.13
C GLY D 16 35.85 18.61 -5.64
N SER D 17 35.63 18.07 -6.83
CA SER D 17 34.31 18.14 -7.43
C SER D 17 33.80 16.73 -7.72
N LEU D 18 32.48 16.66 -7.87
CA LEU D 18 31.75 15.44 -8.16
C LEU D 18 30.50 15.84 -8.93
N ARG D 19 30.01 14.95 -9.78
CA ARG D 19 28.75 15.20 -10.48
C ARG D 19 27.78 14.07 -10.14
N LEU D 20 26.70 14.40 -9.44
CA LEU D 20 25.63 13.45 -9.23
C LEU D 20 24.56 13.62 -10.31
N SER D 21 24.05 12.48 -10.81
CA SER D 21 22.98 12.47 -11.78
C SER D 21 21.84 11.60 -11.28
N CYS D 22 20.62 11.99 -11.64
CA CYS D 22 19.39 11.27 -11.31
C CYS D 22 18.65 11.08 -12.62
N ALA D 23 18.58 9.85 -13.10
CA ALA D 23 17.84 9.53 -14.33
C ALA D 23 16.39 9.23 -13.98
N ALA D 24 15.47 9.89 -14.66
CA ALA D 24 14.06 9.71 -14.35
C ALA D 24 13.34 8.97 -15.47
N SER D 25 12.30 8.24 -15.09
CA SER D 25 11.48 7.54 -16.07
C SER D 25 10.08 7.33 -15.53
N GLY D 26 9.14 7.13 -16.44
CA GLY D 26 7.78 6.81 -16.04
C GLY D 26 6.87 7.97 -15.72
N PHE D 27 7.32 9.21 -15.93
CA PHE D 27 6.48 10.37 -15.66
C PHE D 27 6.95 11.50 -16.56
N ALA D 28 6.13 12.55 -16.63
CA ALA D 28 6.48 13.75 -17.40
C ALA D 28 7.45 14.57 -16.57
N PHE D 29 8.76 14.37 -16.80
CA PHE D 29 9.81 14.95 -15.96
C PHE D 29 9.84 16.48 -16.02
N SER D 30 9.48 17.05 -17.16
CA SER D 30 9.58 18.48 -17.38
C SER D 30 8.44 19.28 -16.75
N THR D 31 7.54 18.65 -15.99
CA THR D 31 6.45 19.34 -15.33
C THR D 31 6.56 19.28 -13.81
N TYR D 32 7.64 18.70 -13.28
CA TYR D 32 7.83 18.60 -11.85
C TYR D 32 9.09 19.33 -11.42
N ALA D 33 9.06 19.86 -10.22
CA ALA D 33 10.27 20.32 -9.58
C ALA D 33 11.06 19.12 -9.07
N MET D 34 12.37 19.29 -8.99
CA MET D 34 13.27 18.24 -8.54
C MET D 34 14.19 18.78 -7.44
N SER D 35 14.58 17.89 -6.54
CA SER D 35 15.33 18.30 -5.37
C SER D 35 16.37 17.26 -5.01
N TRP D 36 17.38 17.71 -4.25
CA TRP D 36 18.37 16.86 -3.60
C TRP D 36 18.22 17.03 -2.09
N VAL D 37 18.07 15.89 -1.41
CA VAL D 37 17.93 15.80 0.02
C VAL D 37 19.01 14.84 0.50
N ARG D 38 19.81 15.25 1.48
CA ARG D 38 20.87 14.36 1.87
C ARG D 38 20.63 13.86 3.28
N GLN D 39 21.28 12.75 3.57
CA GLN D 39 21.18 12.09 4.86
C GLN D 39 22.60 11.68 5.24
N ALA D 40 23.17 12.38 6.21
CA ALA D 40 24.48 12.04 6.76
C ALA D 40 24.37 10.72 7.54
N PRO D 41 25.47 9.97 7.69
CA PRO D 41 25.39 8.69 8.42
C PRO D 41 25.04 8.82 9.90
N GLY D 42 23.97 8.12 10.29
CA GLY D 42 23.39 8.20 11.62
C GLY D 42 22.49 9.39 11.85
N LYS D 43 22.34 10.27 10.87
CA LYS D 43 21.65 11.53 11.04
C LYS D 43 20.36 11.48 10.23
N GLY D 44 19.58 12.54 10.36
CA GLY D 44 18.31 12.66 9.69
C GLY D 44 18.40 13.23 8.28
N LEU D 45 17.31 13.84 7.85
CA LEU D 45 17.24 14.33 6.49
C LEU D 45 17.57 15.82 6.51
N GLU D 46 18.28 16.26 5.47
CA GLU D 46 18.67 17.65 5.29
C GLU D 46 18.41 17.99 3.83
N TRP D 47 17.53 18.97 3.60
CA TRP D 47 17.35 19.48 2.24
C TRP D 47 18.62 20.21 1.79
N VAL D 48 19.03 19.93 0.54
CA VAL D 48 20.23 20.52 -0.07
C VAL D 48 19.85 21.54 -1.12
N SER D 49 19.01 21.15 -2.07
CA SER D 49 18.86 21.97 -3.26
C SER D 49 17.58 21.61 -4.00
N SER D 50 17.02 22.59 -4.71
CA SER D 50 15.80 22.39 -5.49
C SER D 50 15.87 23.21 -6.77
N ILE D 51 15.24 22.68 -7.81
CA ILE D 51 15.15 23.34 -9.11
C ILE D 51 13.73 23.19 -9.65
N SER D 52 13.20 24.28 -10.21
CA SER D 52 11.87 24.28 -10.79
C SER D 52 11.84 23.48 -12.09
N GLU D 53 10.62 23.33 -12.64
CA GLU D 53 10.38 22.45 -13.78
C GLU D 53 11.08 22.96 -15.04
N SER D 54 11.14 24.29 -15.22
CA SER D 54 11.81 24.84 -16.39
C SER D 54 13.14 25.43 -16.02
N SER D 55 13.67 25.09 -14.85
CA SER D 55 15.01 25.44 -14.35
C SER D 55 15.22 26.96 -14.19
N SER D 56 14.14 27.74 -14.07
CA SER D 56 14.22 29.18 -13.86
C SER D 56 14.39 29.55 -12.39
N TYR D 57 14.14 28.63 -11.46
CA TYR D 57 14.24 28.89 -10.03
C TYR D 57 15.11 27.81 -9.42
N THR D 58 16.23 28.21 -8.83
CA THR D 58 17.08 27.31 -8.08
C THR D 58 17.21 27.80 -6.66
N TYR D 59 17.34 26.83 -5.75
CA TYR D 59 17.36 27.10 -4.32
C TYR D 59 18.40 26.20 -3.72
N TYR D 60 19.09 26.72 -2.72
CA TYR D 60 20.18 26.01 -2.08
C TYR D 60 20.05 26.22 -0.58
N THR D 61 20.42 25.21 0.20
CA THR D 61 20.67 25.44 1.61
C THR D 61 21.99 26.21 1.75
N ASP D 62 22.13 26.98 2.85
CA ASP D 62 23.16 28.02 2.93
C ASP D 62 24.58 27.47 2.94
N SER D 63 24.77 26.27 3.50
CA SER D 63 26.12 25.70 3.61
C SER D 63 26.67 25.24 2.26
N VAL D 64 25.83 25.07 1.24
CA VAL D 64 26.26 24.63 -0.08
C VAL D 64 26.16 25.73 -1.12
N LYS D 65 25.56 26.88 -0.77
CA LYS D 65 25.37 27.99 -1.69
C LYS D 65 26.72 28.53 -2.13
N GLY D 66 26.84 28.75 -3.45
CA GLY D 66 28.12 28.97 -4.07
C GLY D 66 28.89 27.72 -4.45
N ARG D 67 28.76 26.62 -3.68
CA ARG D 67 29.56 25.42 -3.88
C ARG D 67 28.84 24.41 -4.75
N PHE D 68 27.53 24.34 -4.65
CA PHE D 68 26.78 23.30 -5.31
C PHE D 68 26.00 23.99 -6.42
N THR D 69 25.88 23.33 -7.55
CA THR D 69 25.04 23.82 -8.63
C THR D 69 24.05 22.71 -8.95
N ILE D 70 22.76 23.04 -8.93
CA ILE D 70 21.73 22.10 -9.37
C ILE D 70 21.40 22.42 -10.84
N SER D 71 21.18 21.38 -11.64
CA SER D 71 20.80 21.62 -13.02
C SER D 71 19.94 20.45 -13.50
N ARG D 72 19.34 20.63 -14.67
CA ARG D 72 18.51 19.61 -15.23
C ARG D 72 18.59 19.67 -16.75
N ASP D 73 18.40 18.51 -17.37
CA ASP D 73 18.20 18.38 -18.80
C ASP D 73 16.87 17.65 -18.94
N ASN D 74 15.88 18.34 -19.51
CA ASN D 74 14.57 17.70 -19.64
C ASN D 74 14.51 16.77 -20.84
N ALA D 75 15.34 17.00 -21.85
CA ALA D 75 15.39 16.13 -23.01
C ALA D 75 15.94 14.75 -22.64
N LYS D 76 16.97 14.71 -21.80
CA LYS D 76 17.53 13.47 -21.29
C LYS D 76 16.85 12.99 -20.01
N LYS D 77 15.90 13.76 -19.48
CA LYS D 77 15.15 13.50 -18.23
C LYS D 77 16.06 13.25 -17.04
N SER D 78 17.02 14.15 -16.85
CA SER D 78 18.11 13.93 -15.91
C SER D 78 18.25 15.14 -14.99
N LEU D 79 18.55 14.87 -13.73
CA LEU D 79 18.79 15.90 -12.73
C LEU D 79 20.24 15.81 -12.27
N PHE D 80 20.89 16.95 -12.07
CA PHE D 80 22.29 16.96 -11.72
C PHE D 80 22.52 17.82 -10.49
N LEU D 81 23.44 17.35 -9.66
CA LEU D 81 24.04 18.17 -8.62
C LEU D 81 25.54 18.19 -8.90
N HIS D 82 26.03 19.33 -9.35
CA HIS D 82 27.46 19.57 -9.49
C HIS D 82 27.95 20.02 -8.12
N MET D 83 28.78 19.22 -7.50
CA MET D 83 29.31 19.50 -6.17
C MET D 83 30.74 19.94 -6.37
N ASN D 84 30.95 21.23 -6.24
CA ASN D 84 32.28 21.81 -6.17
C ASN D 84 32.55 22.15 -4.72
N SER D 85 33.83 22.39 -4.41
CA SER D 85 34.31 22.88 -3.12
C SER D 85 33.90 21.98 -1.96
N LEU D 86 34.24 20.70 -2.07
CA LEU D 86 33.64 19.70 -1.19
C LEU D 86 34.23 19.71 0.21
N ARG D 87 33.35 19.69 1.22
CA ARG D 87 33.73 19.61 2.62
C ARG D 87 33.33 18.27 3.22
N ALA D 88 33.91 17.99 4.39
CA ALA D 88 33.66 16.74 5.12
C ALA D 88 32.21 16.62 5.59
N GLU D 89 31.53 17.75 5.81
CA GLU D 89 30.10 17.74 6.15
C GLU D 89 29.22 17.28 4.98
N ASP D 90 29.73 17.29 3.74
CA ASP D 90 28.96 16.84 2.60
C ASP D 90 28.92 15.31 2.46
N THR D 91 29.60 14.57 3.34
CA THR D 91 29.50 13.11 3.34
C THR D 91 28.09 12.69 3.75
N ALA D 92 27.39 12.06 2.82
CA ALA D 92 25.97 11.73 2.96
C ALA D 92 25.53 10.79 1.85
N VAL D 93 24.37 10.19 2.06
CA VAL D 93 23.59 9.63 0.97
C VAL D 93 22.74 10.75 0.38
N TYR D 94 22.81 10.92 -0.92
CA TYR D 94 22.06 11.97 -1.58
C TYR D 94 20.88 11.33 -2.31
N TYR D 95 19.67 11.78 -1.98
CA TYR D 95 18.45 11.36 -2.62
C TYR D 95 17.99 12.46 -3.55
N CYS D 96 17.57 12.09 -4.76
CA CYS D 96 16.79 13.01 -5.58
C CYS D 96 15.32 12.77 -5.31
N ALA D 97 14.54 13.85 -5.31
CA ALA D 97 13.13 13.73 -4.98
C ALA D 97 12.31 14.60 -5.91
N ARG D 98 11.13 14.10 -6.27
CA ARG D 98 10.18 14.77 -7.16
C ARG D 98 9.20 15.57 -6.32
N SER D 99 8.79 16.72 -6.84
CA SER D 99 7.93 17.66 -6.14
C SER D 99 7.02 18.27 -7.19
N ASP D 100 5.80 18.66 -6.79
CA ASP D 100 4.88 19.28 -7.76
C ASP D 100 5.28 20.70 -8.14
N GLY D 101 5.96 21.40 -7.25
CA GLY D 101 6.33 22.76 -7.54
C GLY D 101 7.02 23.36 -6.34
N LEU D 102 7.55 24.56 -6.55
CA LEU D 102 8.36 25.29 -5.59
C LEU D 102 7.82 26.70 -5.38
N SER D 103 6.52 26.82 -5.10
CA SER D 103 5.96 28.09 -4.65
C SER D 103 6.32 28.35 -3.19
N MET D 104 5.73 29.41 -2.62
CA MET D 104 6.04 29.79 -1.24
C MET D 104 5.54 28.76 -0.24
N ILE D 105 4.49 28.03 -0.59
CA ILE D 105 4.20 26.75 0.01
C ILE D 105 4.76 25.69 -0.93
N ALA D 106 5.86 25.08 -0.51
CA ALA D 106 6.54 24.07 -1.30
C ALA D 106 5.77 22.76 -1.27
N ALA D 107 5.82 22.05 -2.40
CA ALA D 107 5.12 20.79 -2.52
C ALA D 107 5.90 19.70 -1.77
N PRO D 108 5.20 18.66 -1.25
CA PRO D 108 5.92 17.55 -0.59
C PRO D 108 6.76 16.75 -1.57
N PHE D 109 7.82 16.15 -1.05
CA PHE D 109 8.68 15.28 -1.87
C PHE D 109 7.99 13.93 -2.00
N ASP D 110 7.27 13.73 -3.11
CA ASP D 110 6.37 12.57 -3.21
C ASP D 110 7.04 11.29 -3.70
N TYR D 111 8.13 11.38 -4.48
CA TYR D 111 8.82 10.19 -4.95
C TYR D 111 10.31 10.39 -4.81
N TRP D 112 11.01 9.36 -4.34
CA TRP D 112 12.42 9.48 -3.97
C TRP D 112 13.21 8.42 -4.72
N GLY D 113 14.43 8.76 -5.09
CA GLY D 113 15.36 7.78 -5.62
C GLY D 113 15.95 6.90 -4.52
N GLN D 114 16.83 5.98 -4.91
CA GLN D 114 17.40 5.06 -3.95
C GLN D 114 18.64 5.62 -3.24
N GLY D 115 19.18 6.72 -3.71
CA GLY D 115 20.29 7.30 -2.99
C GLY D 115 21.63 7.00 -3.64
N ALA D 116 22.55 7.94 -3.51
CA ALA D 116 23.91 7.77 -4.00
C ALA D 116 24.88 8.19 -2.90
N ARG D 117 25.81 7.30 -2.54
CA ARG D 117 26.69 7.58 -1.42
C ARG D 117 27.81 8.50 -1.87
N VAL D 118 28.03 9.57 -1.10
CA VAL D 118 29.10 10.52 -1.35
C VAL D 118 29.92 10.62 -0.08
N THR D 119 31.19 10.24 -0.18
CA THR D 119 32.14 10.30 0.92
C THR D 119 33.21 11.33 0.58
N VAL D 120 33.33 12.36 1.41
CA VAL D 120 34.39 13.36 1.26
C VAL D 120 35.46 13.08 2.31
N SER D 121 36.62 12.62 1.84
CA SER D 121 37.72 12.29 2.72
C SER D 121 39.02 12.43 1.94
N SER D 122 40.07 12.73 2.67
CA SER D 122 41.40 12.68 2.07
C SER D 122 42.00 11.28 2.08
N ALA D 123 41.28 10.28 2.61
CA ALA D 123 41.76 8.91 2.65
C ALA D 123 41.60 8.26 1.28
N SER D 124 42.52 7.34 0.98
CA SER D 124 42.48 6.53 -0.22
C SER D 124 41.63 5.28 -0.01
N THR D 125 41.29 4.64 -1.13
CA THR D 125 40.36 3.50 -1.10
C THR D 125 41.10 2.24 -0.64
N LYS D 126 40.72 1.69 0.50
CA LYS D 126 41.36 0.48 1.02
C LYS D 126 40.39 -0.69 1.04
N GLY D 127 40.83 -1.83 0.52
CA GLY D 127 40.02 -3.04 0.48
C GLY D 127 39.93 -3.66 1.86
N PRO D 128 38.97 -4.56 2.06
CA PRO D 128 38.85 -5.22 3.36
C PRO D 128 39.75 -6.44 3.47
N SER D 129 40.07 -6.78 4.70
CA SER D 129 40.65 -8.06 5.05
C SER D 129 39.59 -8.81 5.85
N VAL D 130 39.20 -9.99 5.39
CA VAL D 130 38.14 -10.75 6.03
C VAL D 130 38.75 -11.96 6.74
N PHE D 131 38.46 -12.08 8.03
CA PHE D 131 39.03 -13.09 8.87
C PHE D 131 37.92 -13.98 9.38
N PRO D 132 38.12 -15.29 9.43
CA PRO D 132 37.05 -16.18 9.93
C PRO D 132 36.92 -16.12 11.43
N LEU D 133 35.68 -16.18 11.91
CA LEU D 133 35.34 -16.37 13.31
C LEU D 133 34.79 -17.79 13.47
N ALA D 134 35.63 -18.69 13.98
CA ALA D 134 35.45 -20.14 13.90
C ALA D 134 34.43 -20.62 14.94
N PRO D 135 33.59 -21.60 14.60
CA PRO D 135 32.71 -22.22 15.61
C PRO D 135 33.49 -23.12 16.56
N SER D 136 33.33 -22.89 17.86
CA SER D 136 34.17 -23.49 18.87
C SER D 136 33.37 -24.48 19.73
N SER D 137 34.01 -24.96 20.80
CA SER D 137 33.36 -25.80 21.80
C SER D 137 32.56 -25.00 22.82
N LYS D 138 32.56 -23.66 22.70
CA LYS D 138 31.68 -22.84 23.52
C LYS D 138 30.23 -22.97 23.06
N SER D 139 30.01 -22.96 21.75
CA SER D 139 28.68 -23.04 21.17
C SER D 139 28.35 -24.44 20.67
N THR D 140 29.12 -25.46 21.04
CA THR D 140 28.82 -26.80 20.56
C THR D 140 27.66 -27.44 21.30
N SER D 141 27.28 -26.91 22.46
CA SER D 141 26.16 -27.46 23.22
C SER D 141 24.84 -26.97 22.65
N GLY D 142 23.91 -27.90 22.52
CA GLY D 142 22.57 -27.64 22.06
C GLY D 142 22.37 -27.65 20.57
N GLY D 143 23.41 -27.90 19.77
CA GLY D 143 23.25 -27.89 18.32
C GLY D 143 23.38 -26.55 17.64
N THR D 144 23.14 -25.44 18.34
CA THR D 144 23.24 -24.12 17.73
C THR D 144 24.67 -23.63 17.87
N ALA D 145 25.40 -23.67 16.77
CA ALA D 145 26.76 -23.16 16.73
C ALA D 145 26.74 -21.80 16.03
N ALA D 146 27.44 -20.84 16.59
CA ALA D 146 27.64 -19.58 15.89
C ALA D 146 28.96 -19.64 15.14
N LEU D 147 28.97 -19.06 13.94
CA LEU D 147 30.20 -18.86 13.16
C LEU D 147 30.06 -17.55 12.41
N GLY D 148 31.16 -17.06 11.88
CA GLY D 148 31.07 -15.79 11.20
C GLY D 148 32.33 -15.43 10.47
N CYS D 149 32.33 -14.24 9.91
CA CYS D 149 33.56 -13.67 9.43
C CYS D 149 33.56 -12.18 9.69
N LEU D 150 34.75 -11.67 9.98
CA LEU D 150 35.00 -10.30 10.39
C LEU D 150 35.59 -9.55 9.21
N VAL D 151 34.87 -8.55 8.72
CA VAL D 151 35.26 -7.78 7.56
C VAL D 151 35.85 -6.48 8.10
N LYS D 152 37.18 -6.34 8.00
CA LYS D 152 37.93 -5.37 8.77
C LYS D 152 38.73 -4.46 7.85
N ASP D 153 38.81 -3.19 8.26
CA ASP D 153 39.75 -2.19 7.75
C ASP D 153 39.53 -1.86 6.27
N TYR D 154 38.30 -1.53 5.92
CA TYR D 154 37.99 -1.11 4.58
C TYR D 154 37.52 0.34 4.59
N PHE D 155 37.64 0.97 3.42
CA PHE D 155 37.20 2.33 3.19
C PHE D 155 36.99 2.52 1.70
N PRO D 156 35.96 3.23 1.25
CA PRO D 156 34.81 3.73 1.99
C PRO D 156 33.73 2.68 2.05
N GLU D 157 32.61 2.96 2.68
CA GLU D 157 31.52 2.00 2.66
C GLU D 157 30.83 2.08 1.28
N PRO D 158 30.13 1.01 0.84
CA PRO D 158 29.65 -0.26 1.43
C PRO D 158 30.43 -1.54 1.17
N VAL D 159 30.11 -2.56 1.96
CA VAL D 159 30.48 -3.93 1.66
C VAL D 159 29.20 -4.72 1.69
N THR D 160 29.12 -5.74 0.86
CA THR D 160 28.03 -6.69 0.90
C THR D 160 28.64 -8.03 1.29
N VAL D 161 28.05 -8.70 2.27
CA VAL D 161 28.45 -10.03 2.67
C VAL D 161 27.28 -10.98 2.40
N SER D 162 27.55 -12.06 1.68
CA SER D 162 26.59 -13.13 1.51
C SER D 162 27.22 -14.41 2.04
N TRP D 163 26.37 -15.39 2.36
CA TRP D 163 26.83 -16.68 2.85
C TRP D 163 26.51 -17.78 1.85
N ASN D 164 27.54 -18.56 1.50
CA ASN D 164 27.50 -19.71 0.58
C ASN D 164 26.93 -19.35 -0.79
N SER D 165 27.49 -18.29 -1.39
CA SER D 165 27.03 -17.66 -2.65
C SER D 165 25.57 -17.22 -2.58
N GLY D 166 25.15 -16.71 -1.42
CA GLY D 166 23.81 -16.19 -1.22
C GLY D 166 22.74 -17.24 -1.03
N ALA D 167 23.10 -18.46 -0.65
CA ALA D 167 22.16 -19.54 -0.44
C ALA D 167 21.66 -19.62 1.00
N LEU D 168 22.55 -19.44 1.97
CA LEU D 168 22.14 -19.44 3.37
C LEU D 168 21.62 -18.03 3.63
N THR D 169 20.29 -17.90 3.67
CA THR D 169 19.61 -16.61 3.74
C THR D 169 18.85 -16.42 5.04
N SER D 170 18.97 -17.33 6.00
CA SER D 170 18.14 -17.30 7.20
C SER D 170 19.04 -17.47 8.42
N GLY D 171 18.87 -16.58 9.40
CA GLY D 171 19.72 -16.61 10.57
C GLY D 171 20.99 -15.83 10.41
N VAL D 172 21.17 -15.13 9.28
CA VAL D 172 22.33 -14.27 9.08
C VAL D 172 22.11 -12.98 9.84
N HIS D 173 23.07 -12.61 10.68
CA HIS D 173 23.09 -11.26 11.22
C HIS D 173 24.35 -10.61 10.69
N THR D 174 24.18 -9.69 9.75
CA THR D 174 25.30 -8.88 9.30
C THR D 174 25.15 -7.54 9.99
N PHE D 175 26.10 -7.21 10.85
CA PHE D 175 25.97 -6.06 11.72
C PHE D 175 26.25 -4.78 10.94
N PRO D 176 25.72 -3.64 11.41
CA PRO D 176 26.13 -2.34 10.86
C PRO D 176 27.62 -2.09 11.03
N ALA D 177 28.21 -1.50 10.00
CA ALA D 177 29.60 -1.08 10.03
C ALA D 177 29.81 -0.03 11.10
N VAL D 178 30.94 -0.13 11.79
CA VAL D 178 31.32 0.84 12.79
C VAL D 178 32.58 1.51 12.27
N LEU D 179 32.56 2.84 12.25
CA LEU D 179 33.76 3.57 11.88
C LEU D 179 34.73 3.46 13.04
N GLN D 180 35.91 2.90 12.78
CA GLN D 180 36.88 2.73 13.84
C GLN D 180 37.66 4.03 14.03
N SER D 181 38.43 4.09 15.12
CA SER D 181 39.26 5.28 15.36
C SER D 181 40.42 5.38 14.40
N SER D 182 40.75 4.28 13.70
CA SER D 182 41.63 4.30 12.53
C SER D 182 41.08 5.14 11.38
N GLY D 183 39.78 5.33 11.30
CA GLY D 183 39.21 5.91 10.12
C GLY D 183 38.80 4.89 9.10
N LEU D 184 38.86 3.62 9.46
CA LEU D 184 38.40 2.52 8.62
C LEU D 184 37.16 1.88 9.24
N TYR D 185 36.49 1.05 8.45
CA TYR D 185 35.25 0.43 8.87
C TYR D 185 35.49 -1.05 9.15
N SER D 186 34.67 -1.60 10.05
CA SER D 186 34.71 -3.02 10.34
C SER D 186 33.32 -3.46 10.77
N LEU D 187 32.89 -4.59 10.22
CA LEU D 187 31.66 -5.23 10.65
C LEU D 187 31.91 -6.73 10.74
N SER D 188 31.02 -7.41 11.43
CA SER D 188 31.05 -8.86 11.49
C SER D 188 29.71 -9.37 10.97
N SER D 189 29.78 -10.40 10.13
CA SER D 189 28.60 -11.10 9.64
C SER D 189 28.64 -12.49 10.25
N VAL D 190 27.56 -12.86 10.95
CA VAL D 190 27.53 -14.11 11.70
C VAL D 190 26.32 -14.95 11.27
N VAL D 191 26.42 -16.26 11.53
CA VAL D 191 25.42 -17.24 11.11
C VAL D 191 25.24 -18.28 12.22
N THR D 192 23.98 -18.50 12.65
CA THR D 192 23.63 -19.63 13.50
C THR D 192 23.42 -20.84 12.61
N VAL D 193 24.14 -21.91 12.91
CA VAL D 193 24.24 -23.09 12.07
C VAL D 193 24.08 -24.39 12.86
N PRO D 194 23.62 -25.48 12.24
CA PRO D 194 23.70 -26.79 12.92
C PRO D 194 25.14 -27.26 13.09
N SER D 195 25.45 -27.80 14.29
CA SER D 195 26.78 -28.31 14.58
C SER D 195 27.10 -29.55 13.77
N SER D 196 26.06 -30.35 13.43
CA SER D 196 26.19 -31.55 12.60
C SER D 196 26.72 -31.23 11.21
N SER D 197 26.24 -30.13 10.62
CA SER D 197 26.60 -29.70 9.27
C SER D 197 28.07 -29.28 9.14
N LEU D 198 28.72 -28.91 10.27
CA LEU D 198 30.09 -28.40 10.30
C LEU D 198 31.10 -29.40 9.78
N GLY D 199 30.85 -30.70 9.98
CA GLY D 199 31.74 -31.73 9.46
C GLY D 199 31.73 -31.82 7.95
N THR D 200 30.57 -31.60 7.31
CA THR D 200 30.45 -31.83 5.87
C THR D 200 30.15 -30.59 5.04
N GLN D 201 29.37 -29.65 5.53
CA GLN D 201 29.01 -28.49 4.72
C GLN D 201 30.02 -27.35 4.92
N THR D 202 30.53 -26.83 3.80
CA THR D 202 31.47 -25.71 3.81
C THR D 202 30.70 -24.40 4.01
N TYR D 203 31.17 -23.58 4.95
CA TYR D 203 30.59 -22.28 5.26
C TYR D 203 31.58 -21.21 4.85
N ILE D 204 31.31 -20.60 3.70
CA ILE D 204 32.17 -19.57 3.13
C ILE D 204 31.38 -18.27 3.10
N CYS D 205 32.09 -17.16 3.29
CA CYS D 205 31.43 -15.86 3.19
C CYS D 205 32.01 -15.10 2.01
N ASN D 206 31.10 -14.54 1.21
CA ASN D 206 31.40 -13.79 -0.01
C ASN D 206 31.29 -12.30 0.33
N VAL D 207 32.43 -11.66 0.49
CA VAL D 207 32.49 -10.24 0.77
C VAL D 207 32.80 -9.52 -0.54
N ASN D 208 32.08 -8.44 -0.80
CA ASN D 208 32.38 -7.60 -1.95
C ASN D 208 32.48 -6.15 -1.50
N HIS D 209 33.55 -5.48 -1.93
CA HIS D 209 33.77 -4.06 -1.72
C HIS D 209 34.00 -3.50 -3.13
N LYS D 210 32.89 -3.10 -3.76
CA LYS D 210 32.94 -2.41 -5.05
C LYS D 210 33.78 -1.13 -5.11
N PRO D 211 33.94 -0.26 -4.08
CA PRO D 211 34.86 0.88 -4.26
C PRO D 211 36.33 0.52 -4.41
N SER D 212 36.82 -0.59 -3.86
CA SER D 212 38.18 -1.03 -4.17
C SER D 212 38.21 -2.13 -5.22
N ASN D 213 37.03 -2.55 -5.70
CA ASN D 213 36.82 -3.64 -6.67
C ASN D 213 37.49 -4.93 -6.20
N THR D 214 37.29 -5.25 -4.91
CA THR D 214 37.81 -6.49 -4.35
C THR D 214 36.66 -7.34 -3.85
N LYS D 215 36.64 -8.60 -4.25
CA LYS D 215 35.71 -9.57 -3.67
C LYS D 215 36.54 -10.74 -3.18
N VAL D 216 36.22 -11.18 -1.96
CA VAL D 216 36.89 -12.31 -1.32
C VAL D 216 35.84 -13.34 -0.94
N ASP D 217 36.13 -14.61 -1.19
CA ASP D 217 35.44 -15.71 -0.53
C ASP D 217 36.39 -16.21 0.56
N LYS D 218 35.86 -16.45 1.77
CA LYS D 218 36.69 -17.00 2.83
C LYS D 218 35.97 -18.16 3.51
N LYS D 219 36.64 -19.31 3.56
CA LYS D 219 36.10 -20.50 4.20
C LYS D 219 36.25 -20.38 5.72
N VAL D 220 35.16 -20.62 6.42
CA VAL D 220 35.12 -20.55 7.87
C VAL D 220 35.03 -22.00 8.37
N GLU D 221 36.16 -22.50 8.83
CA GLU D 221 36.31 -23.87 9.32
C GLU D 221 36.41 -23.86 10.84
N PRO D 222 35.95 -24.91 11.54
CA PRO D 222 36.19 -24.97 12.99
C PRO D 222 37.66 -25.23 13.34
N GLU E 1 15.60 30.16 10.23
CA GLU E 1 15.47 28.72 10.07
C GLU E 1 14.47 28.10 11.08
N ILE E 2 13.38 27.50 10.58
CA ILE E 2 12.43 26.84 11.46
C ILE E 2 13.06 25.52 11.91
N VAL E 3 13.21 25.35 13.22
CA VAL E 3 13.73 24.11 13.80
C VAL E 3 12.56 23.23 14.18
N LEU E 4 12.59 21.97 13.77
CA LEU E 4 11.56 21.03 14.16
C LEU E 4 12.18 20.08 15.18
N THR E 5 11.46 19.86 16.26
CA THR E 5 11.94 19.06 17.38
C THR E 5 10.95 17.92 17.59
N GLN E 6 11.34 16.70 17.23
CA GLN E 6 10.45 15.55 17.37
C GLN E 6 10.59 14.89 18.73
N SER E 7 9.47 14.40 19.23
CA SER E 7 9.31 13.85 20.56
C SER E 7 8.31 12.70 20.55
N PRO E 8 8.65 11.58 21.24
CA PRO E 8 9.94 11.22 21.82
C PRO E 8 10.89 10.69 20.75
N ALA E 9 12.16 10.51 21.08
CA ALA E 9 13.13 10.03 20.09
C ALA E 9 12.86 8.57 19.73
N THR E 10 12.35 7.79 20.68
CA THR E 10 12.02 6.39 20.46
C THR E 10 10.69 6.06 21.11
N LEU E 11 9.82 5.38 20.37
CA LEU E 11 8.57 4.90 20.92
C LEU E 11 8.52 3.39 20.85
N SER E 12 8.14 2.75 21.97
CA SER E 12 8.07 1.30 22.04
C SER E 12 6.63 0.89 22.28
N LEU E 13 5.98 0.37 21.25
CA LEU E 13 4.57 0.05 21.32
C LEU E 13 4.33 -1.29 20.64
N SER E 14 3.36 -1.96 21.07
CA SER E 14 3.01 -3.25 20.49
C SER E 14 1.89 -3.03 19.47
N PRO E 15 1.70 -3.91 18.47
CA PRO E 15 0.66 -3.66 17.47
C PRO E 15 -0.76 -3.71 18.01
N GLY E 16 -1.61 -2.90 17.40
CA GLY E 16 -2.94 -2.64 17.89
C GLY E 16 -3.05 -1.37 18.69
N GLU E 17 -1.93 -0.81 19.17
CA GLU E 17 -2.00 0.37 20.00
C GLU E 17 -1.96 1.62 19.15
N ARG E 18 -2.55 2.69 19.69
CA ARG E 18 -2.48 4.02 19.08
C ARG E 18 -1.10 4.63 19.33
N ALA E 19 -0.46 5.10 18.26
CA ALA E 19 0.81 5.80 18.30
C ALA E 19 0.61 7.29 18.07
N THR E 20 1.22 8.11 18.93
CA THR E 20 1.16 9.58 18.86
C THR E 20 2.58 10.11 18.78
N LEU E 21 2.87 10.89 17.74
CA LEU E 21 4.20 11.42 17.50
C LEU E 21 4.10 12.93 17.50
N SER E 22 4.98 13.62 18.24
CA SER E 22 4.89 15.07 18.36
C SER E 22 6.05 15.70 17.61
N CYS E 23 5.75 16.81 16.97
CA CYS E 23 6.74 17.65 16.31
C CYS E 23 6.47 19.07 16.78
N ARG E 24 7.45 19.68 17.44
CA ARG E 24 7.38 21.06 17.90
C ARG E 24 8.17 21.94 16.95
N THR E 25 7.68 23.16 16.70
CA THR E 25 8.35 24.08 15.79
C THR E 25 8.81 25.31 16.57
N SER E 26 9.94 25.88 16.16
CA SER E 26 10.50 27.02 16.89
C SER E 26 9.74 28.33 16.64
N GLN E 27 8.97 28.40 15.57
CA GLN E 27 8.04 29.50 15.32
C GLN E 27 6.69 28.88 15.01
N SER E 28 5.62 29.65 15.20
CA SER E 28 4.30 29.24 14.79
C SER E 28 4.25 29.12 13.27
N LEU E 29 3.53 28.10 12.80
CA LEU E 29 3.29 27.84 11.39
C LEU E 29 1.81 27.68 11.18
N SER E 30 1.31 28.29 10.12
CA SER E 30 -0.10 28.19 9.80
C SER E 30 -0.38 27.24 8.64
N ILE E 31 0.66 26.82 7.93
CA ILE E 31 0.54 25.82 6.89
C ILE E 31 1.02 24.52 7.49
N SER E 32 0.29 23.45 7.24
CA SER E 32 0.48 22.14 7.84
C SER E 32 1.87 21.56 7.57
N LEU E 33 2.27 20.66 8.44
CA LEU E 33 3.52 19.96 8.24
C LEU E 33 3.30 18.78 7.29
N VAL E 34 4.42 18.24 6.82
CA VAL E 34 4.45 17.10 5.92
C VAL E 34 5.25 15.99 6.58
N TRP E 35 4.74 14.76 6.51
CA TRP E 35 5.37 13.67 7.23
C TRP E 35 5.89 12.61 6.27
N TYR E 36 6.99 11.99 6.69
CA TYR E 36 7.67 10.94 5.94
C TYR E 36 7.96 9.73 6.85
N GLN E 37 7.99 8.57 6.21
CA GLN E 37 8.33 7.29 6.82
C GLN E 37 9.60 6.79 6.15
N GLN E 38 10.48 6.20 6.93
CA GLN E 38 11.72 5.62 6.40
C GLN E 38 12.00 4.35 7.17
N LYS E 39 11.99 3.30 6.50
CA LYS E 39 12.39 1.97 6.93
C LYS E 39 13.89 1.78 6.69
N PRO E 40 14.58 0.92 7.45
CA PRO E 40 16.04 0.85 7.34
C PRO E 40 16.55 0.23 6.04
N GLY E 41 17.57 0.88 5.48
CA GLY E 41 18.13 0.55 4.19
C GLY E 41 17.38 1.14 3.02
N GLN E 42 16.30 1.88 3.26
CA GLN E 42 15.39 2.31 2.20
C GLN E 42 15.29 3.83 2.15
N ALA E 43 14.88 4.31 0.97
CA ALA E 43 14.51 5.70 0.76
C ALA E 43 13.31 6.09 1.61
N PRO E 44 13.18 7.38 1.94
CA PRO E 44 11.97 7.86 2.60
C PRO E 44 10.75 7.80 1.70
N ARG E 45 9.59 7.65 2.33
CA ARG E 45 8.32 7.56 1.64
C ARG E 45 7.44 8.69 2.16
N LEU E 46 6.73 9.36 1.27
CA LEU E 46 5.78 10.39 1.68
C LEU E 46 4.61 9.73 2.44
N LEU E 47 4.35 10.25 3.64
CA LEU E 47 3.28 9.72 4.48
C LEU E 47 2.09 10.63 4.46
N ILE E 48 2.29 11.90 4.84
CA ILE E 48 1.23 12.89 4.96
C ILE E 48 1.67 14.12 4.19
N SER E 49 0.77 14.68 3.39
CA SER E 49 0.98 15.81 2.48
C SER E 49 0.03 16.95 2.84
N ASP E 50 -0.25 17.84 1.85
CA ASP E 50 -1.03 19.11 1.95
C ASP E 50 -2.32 19.03 2.76
N ALA E 51 -2.47 19.99 3.69
CA ALA E 51 -3.61 20.14 4.62
C ALA E 51 -3.85 18.88 5.48
N SER E 52 -2.75 18.17 5.83
CA SER E 52 -2.74 16.95 6.66
C SER E 52 -3.61 15.83 6.08
N ASN E 53 -3.65 15.77 4.75
CA ASN E 53 -4.34 14.73 4.00
C ASN E 53 -3.32 13.69 3.53
N ARG E 54 -3.78 12.44 3.38
CA ARG E 54 -2.81 11.36 3.18
C ARG E 54 -2.20 11.36 1.80
N ALA E 55 -1.00 10.81 1.74
CA ALA E 55 -0.31 10.59 0.50
C ALA E 55 -0.95 9.41 -0.23
N PRO E 56 -0.69 9.29 -1.53
CA PRO E 56 -1.02 8.06 -2.27
C PRO E 56 -0.44 6.78 -1.67
N GLY E 57 -1.28 5.74 -1.57
CA GLY E 57 -0.88 4.45 -1.05
C GLY E 57 -0.83 4.34 0.45
N ILE E 58 -1.18 5.38 1.19
CA ILE E 58 -1.06 5.43 2.64
C ILE E 58 -2.41 5.09 3.25
N PRO E 59 -2.49 4.12 4.17
CA PRO E 59 -3.79 3.72 4.71
C PRO E 59 -4.36 4.75 5.67
N ALA E 60 -5.67 4.57 5.95
CA ALA E 60 -6.46 5.56 6.69
C ALA E 60 -6.10 5.65 8.17
N ARG E 61 -5.34 4.68 8.71
CA ARG E 61 -4.95 4.74 10.11
C ARG E 61 -3.90 5.83 10.40
N PHE E 62 -3.22 6.37 9.38
CA PHE E 62 -2.33 7.52 9.56
C PHE E 62 -3.12 8.81 9.44
N SER E 63 -2.99 9.67 10.44
CA SER E 63 -3.64 10.96 10.44
C SER E 63 -2.67 12.01 10.97
N ALA E 64 -2.86 13.27 10.59
CA ALA E 64 -2.01 14.33 11.11
C ALA E 64 -2.87 15.50 11.51
N SER E 65 -2.38 16.23 12.52
CA SER E 65 -3.12 17.34 13.08
C SER E 65 -2.15 18.35 13.66
N GLY E 66 -2.70 19.40 14.24
CA GLY E 66 -1.95 20.40 14.98
C GLY E 66 -1.89 21.73 14.26
N SER E 67 -1.46 22.74 15.03
CA SER E 67 -1.25 24.08 14.52
C SER E 67 -0.31 24.81 15.47
N GLY E 68 0.02 26.05 15.10
CA GLY E 68 0.93 26.90 15.83
C GLY E 68 2.32 26.30 15.94
N THR E 69 2.67 25.90 17.15
CA THR E 69 3.95 25.27 17.38
C THR E 69 3.85 23.81 17.75
N ASP E 70 2.65 23.20 17.75
CA ASP E 70 2.51 21.80 18.16
C ASP E 70 1.77 21.02 17.09
N PHE E 71 2.40 19.97 16.58
CA PHE E 71 1.87 19.18 15.48
C PHE E 71 1.99 17.71 15.85
N THR E 72 1.03 16.91 15.39
CA THR E 72 0.95 15.51 15.76
C THR E 72 0.74 14.63 14.53
N LEU E 73 1.38 13.48 14.54
CA LEU E 73 1.05 12.37 13.66
C LEU E 73 0.46 11.25 14.52
N THR E 74 -0.68 10.71 14.12
CA THR E 74 -1.36 9.65 14.85
C THR E 74 -1.47 8.43 13.97
N ILE E 75 -1.02 7.28 14.47
CA ILE E 75 -1.30 5.98 13.88
C ILE E 75 -2.31 5.31 14.80
N SER E 76 -3.54 5.09 14.31
CA SER E 76 -4.64 4.82 15.22
C SER E 76 -4.62 3.39 15.76
N SER E 77 -4.07 2.44 15.00
CA SER E 77 -3.75 1.13 15.54
C SER E 77 -2.60 0.59 14.72
N LEU E 78 -1.51 0.24 15.38
CA LEU E 78 -0.31 -0.12 14.66
C LEU E 78 -0.42 -1.50 14.05
N GLU E 79 0.07 -1.62 12.82
CA GLU E 79 0.29 -2.88 12.12
C GLU E 79 1.80 -3.02 11.93
N PRO E 80 2.35 -4.25 11.78
CA PRO E 80 3.82 -4.44 11.75
C PRO E 80 4.61 -3.67 10.70
N GLU E 81 3.98 -3.33 9.57
CA GLU E 81 4.58 -2.46 8.57
C GLU E 81 4.82 -1.03 9.04
N ASP E 82 4.22 -0.59 10.14
CA ASP E 82 4.28 0.80 10.54
C ASP E 82 5.49 1.12 11.39
N PHE E 83 6.25 0.13 11.77
CA PHE E 83 7.37 0.31 12.68
C PHE E 83 8.58 0.75 11.87
N ALA E 84 8.93 2.02 11.99
CA ALA E 84 9.90 2.68 11.11
C ALA E 84 10.35 3.96 11.79
N VAL E 85 11.09 4.78 11.04
CA VAL E 85 11.45 6.13 11.49
C VAL E 85 10.53 7.13 10.78
N TYR E 86 10.03 8.11 11.53
CA TYR E 86 9.15 9.13 10.98
C TYR E 86 9.77 10.53 11.10
N TYR E 87 9.74 11.29 10.01
CA TYR E 87 10.25 12.67 9.96
C TYR E 87 9.11 13.63 9.62
N CYS E 88 8.95 14.67 10.43
CA CYS E 88 8.15 15.80 9.97
C CYS E 88 9.04 16.76 9.18
N GLN E 89 8.40 17.66 8.43
CA GLN E 89 9.09 18.61 7.56
C GLN E 89 8.18 19.80 7.32
N GLN E 90 8.71 21.01 7.47
CA GLN E 90 7.93 22.19 7.10
C GLN E 90 8.27 22.58 5.65
N ARG E 91 7.31 23.23 5.00
CA ARG E 91 7.45 23.51 3.57
C ARG E 91 6.96 24.92 3.24
N SER E 92 6.84 25.78 4.26
CA SER E 92 6.16 27.05 4.09
C SER E 92 6.91 28.27 4.61
N ASN E 93 8.00 28.10 5.38
CA ASN E 93 8.95 29.16 5.70
C ASN E 93 10.32 28.67 5.24
N TRP E 94 10.68 29.00 4.01
CA TRP E 94 11.77 28.32 3.32
C TRP E 94 12.24 29.20 2.17
N PRO E 95 13.53 29.11 1.72
CA PRO E 95 14.67 28.28 2.13
C PRO E 95 15.23 28.70 3.50
N PRO E 96 15.72 27.73 4.30
CA PRO E 96 15.76 26.28 4.02
C PRO E 96 14.46 25.52 4.33
N ILE E 97 14.11 24.55 3.47
CA ILE E 97 13.17 23.52 3.87
C ILE E 97 13.84 22.71 4.98
N THR E 98 13.14 22.47 6.08
CA THR E 98 13.77 21.83 7.23
C THR E 98 12.96 20.64 7.73
N PHE E 99 13.69 19.66 8.25
CA PHE E 99 13.11 18.42 8.75
C PHE E 99 13.26 18.35 10.26
N GLY E 100 12.44 17.51 10.87
CA GLY E 100 12.68 17.08 12.22
C GLY E 100 13.76 16.02 12.26
N GLN E 101 14.22 15.72 13.48
CA GLN E 101 15.34 14.80 13.65
C GLN E 101 14.92 13.33 13.53
N GLY E 102 13.63 13.05 13.59
CA GLY E 102 13.15 11.68 13.46
C GLY E 102 12.70 11.08 14.78
N THR E 103 11.56 10.39 14.73
CA THR E 103 11.11 9.52 15.82
C THR E 103 11.18 8.10 15.30
N ARG E 104 11.87 7.23 16.05
CA ARG E 104 11.97 5.81 15.71
C ARG E 104 10.89 5.04 16.45
N LEU E 105 10.05 4.31 15.71
CA LEU E 105 8.97 3.52 16.30
C LEU E 105 9.33 2.03 16.29
N GLU E 106 9.52 1.48 17.48
CA GLU E 106 9.97 0.11 17.76
C GLU E 106 8.80 -0.76 18.20
N MET E 107 8.81 -2.05 17.83
CA MET E 107 7.79 -3.01 18.25
C MET E 107 8.09 -3.53 19.66
N LYS E 108 7.08 -3.45 20.52
CA LYS E 108 7.18 -3.97 21.89
C LYS E 108 7.00 -5.47 21.88
N ARG E 109 7.78 -6.15 22.71
CA ARG E 109 7.80 -7.60 22.76
C ARG E 109 7.90 -8.00 24.22
N THR E 110 7.74 -9.30 24.49
CA THR E 110 8.11 -9.84 25.77
C THR E 110 9.61 -9.73 25.94
N VAL E 111 10.04 -9.58 27.19
CA VAL E 111 11.47 -9.52 27.52
C VAL E 111 12.13 -10.87 27.27
N ALA E 112 13.22 -10.86 26.48
CA ALA E 112 13.99 -12.05 26.12
C ALA E 112 15.46 -11.84 26.39
N ALA E 113 16.11 -12.86 26.97
CA ALA E 113 17.52 -12.87 27.34
C ALA E 113 18.42 -13.15 26.13
N PRO E 114 19.63 -12.57 26.09
CA PRO E 114 20.54 -12.84 24.97
C PRO E 114 21.16 -14.23 25.07
N SER E 115 21.59 -14.73 23.91
CA SER E 115 22.50 -15.87 23.84
C SER E 115 23.89 -15.36 23.48
N VAL E 116 24.89 -15.70 24.30
CA VAL E 116 26.20 -15.06 24.24
C VAL E 116 27.21 -16.06 23.66
N PHE E 117 28.02 -15.61 22.69
CA PHE E 117 29.08 -16.43 22.10
C PHE E 117 30.35 -15.59 21.88
N ILE E 118 31.52 -16.18 22.10
CA ILE E 118 32.80 -15.48 21.92
C ILE E 118 33.62 -16.20 20.87
N PHE E 119 34.24 -15.41 19.99
CA PHE E 119 35.18 -15.89 19.00
C PHE E 119 36.55 -15.33 19.32
N PRO E 120 37.53 -16.20 19.55
CA PRO E 120 38.95 -15.78 19.63
C PRO E 120 39.46 -15.35 18.26
N PRO E 121 40.60 -14.62 18.17
CA PRO E 121 41.07 -14.18 16.86
C PRO E 121 41.60 -15.32 16.01
N SER E 122 41.43 -15.15 14.70
CA SER E 122 41.98 -16.08 13.73
C SER E 122 43.50 -15.92 13.67
N ASP E 123 44.18 -16.99 13.20
CA ASP E 123 45.63 -16.92 13.04
C ASP E 123 46.04 -16.00 11.90
N GLU E 124 45.17 -15.89 10.88
CA GLU E 124 45.42 -15.05 9.71
C GLU E 124 45.43 -13.59 10.08
N GLN E 125 44.58 -13.20 11.04
CA GLN E 125 44.65 -11.85 11.59
C GLN E 125 45.87 -11.68 12.49
N LEU E 126 46.29 -12.74 13.18
CA LEU E 126 47.42 -12.62 14.10
C LEU E 126 48.73 -12.45 13.37
N LYS E 127 48.84 -12.96 12.14
CA LYS E 127 50.01 -12.71 11.30
C LYS E 127 50.10 -11.25 10.86
N SER E 128 48.95 -10.57 10.76
CA SER E 128 48.95 -9.16 10.43
C SER E 128 49.37 -8.28 11.60
N GLY E 129 49.29 -8.77 12.84
CA GLY E 129 49.70 -8.02 14.00
C GLY E 129 48.58 -7.46 14.87
N THR E 130 47.32 -7.61 14.50
CA THR E 130 46.21 -7.18 15.33
C THR E 130 45.37 -8.38 15.75
N ALA E 131 44.76 -8.30 16.92
CA ALA E 131 43.84 -9.33 17.40
C ALA E 131 42.49 -8.73 17.73
N SER E 132 41.45 -9.20 17.06
CA SER E 132 40.07 -8.84 17.40
C SER E 132 39.37 -10.04 18.02
N VAL E 133 38.76 -9.83 19.18
CA VAL E 133 37.93 -10.84 19.83
C VAL E 133 36.48 -10.35 19.76
N VAL E 134 35.58 -11.25 19.39
CA VAL E 134 34.20 -10.85 19.12
C VAL E 134 33.30 -11.53 20.14
N CYS E 135 32.42 -10.74 20.76
CA CYS E 135 31.36 -11.22 21.63
C CYS E 135 30.02 -10.94 20.97
N LEU E 136 29.13 -11.92 21.02
CA LEU E 136 27.88 -11.86 20.29
C LEU E 136 26.73 -12.04 21.26
N LEU E 137 25.77 -11.13 21.17
CA LEU E 137 24.52 -11.17 21.91
C LEU E 137 23.42 -11.47 20.89
N ASN E 138 22.73 -12.59 21.05
CA ASN E 138 21.74 -13.00 20.06
C ASN E 138 20.34 -12.97 20.64
N ASN E 139 19.42 -12.34 19.89
CA ASN E 139 17.97 -12.56 19.94
C ASN E 139 17.36 -12.20 21.29
N PHE E 140 17.59 -10.95 21.68
CA PHE E 140 17.14 -10.37 22.94
C PHE E 140 16.20 -9.19 22.70
N TYR E 141 15.39 -8.88 23.73
CA TYR E 141 14.50 -7.70 23.80
C TYR E 141 14.47 -7.30 25.27
N PRO E 142 14.58 -6.00 25.61
CA PRO E 142 14.70 -4.77 24.80
C PRO E 142 16.08 -4.56 24.24
N ARG E 143 16.24 -3.45 23.51
CA ARG E 143 17.52 -3.11 22.89
C ARG E 143 18.59 -2.78 23.93
N GLU E 144 18.17 -2.33 25.12
CA GLU E 144 19.10 -1.94 26.17
C GLU E 144 19.82 -3.16 26.77
N ALA E 145 21.14 -3.20 26.58
CA ALA E 145 22.00 -4.27 27.06
C ALA E 145 23.37 -3.69 27.36
N LYS E 146 23.97 -4.10 28.49
CA LYS E 146 25.30 -3.64 28.87
C LYS E 146 26.29 -4.78 28.78
N VAL E 147 27.46 -4.48 28.21
CA VAL E 147 28.51 -5.46 27.91
C VAL E 147 29.83 -4.95 28.47
N GLN E 148 30.51 -5.79 29.27
CA GLN E 148 31.76 -5.45 29.92
C GLN E 148 32.83 -6.48 29.55
N TRP E 149 33.97 -6.02 29.08
CA TRP E 149 35.07 -6.92 28.80
C TRP E 149 35.95 -7.04 30.04
N LYS E 150 36.54 -8.20 30.21
CA LYS E 150 37.50 -8.44 31.27
C LYS E 150 38.72 -9.11 30.66
N VAL E 151 39.89 -8.56 30.97
CA VAL E 151 41.16 -9.22 30.68
C VAL E 151 41.80 -9.50 32.02
N ASP E 152 41.96 -10.81 32.34
CA ASP E 152 42.39 -11.33 33.64
C ASP E 152 41.59 -10.75 34.81
N ASN E 153 40.26 -10.61 34.60
CA ASN E 153 39.28 -10.07 35.55
C ASN E 153 39.55 -8.61 35.94
N ALA E 154 40.17 -7.83 35.05
CA ALA E 154 40.20 -6.37 35.14
C ALA E 154 39.25 -5.78 34.10
N LEU E 155 38.42 -4.83 34.53
CA LEU E 155 37.41 -4.23 33.66
C LEU E 155 38.04 -3.32 32.61
N GLN E 156 37.68 -3.53 31.34
CA GLN E 156 38.23 -2.80 30.20
C GLN E 156 37.36 -1.62 29.82
N SER E 157 38.00 -0.57 29.32
CA SER E 157 37.32 0.64 28.90
C SER E 157 37.97 1.21 27.65
N GLY E 158 37.14 1.69 26.73
CA GLY E 158 37.62 2.45 25.59
C GLY E 158 38.34 1.68 24.49
N ASN E 159 38.24 0.36 24.44
CA ASN E 159 38.87 -0.36 23.35
C ASN E 159 37.93 -1.33 22.64
N SER E 160 36.63 -1.28 22.92
CA SER E 160 35.69 -2.13 22.22
C SER E 160 34.65 -1.27 21.51
N GLN E 161 34.07 -1.86 20.48
CA GLN E 161 33.01 -1.22 19.71
C GLN E 161 31.83 -2.16 19.67
N GLU E 162 30.64 -1.63 19.86
CA GLU E 162 29.45 -2.48 19.79
C GLU E 162 28.56 -1.99 18.67
N SER E 163 27.90 -2.96 18.04
CA SER E 163 27.02 -2.75 16.90
C SER E 163 25.74 -3.54 17.12
N VAL E 164 24.59 -2.88 17.04
CA VAL E 164 23.31 -3.53 17.27
C VAL E 164 22.61 -3.64 15.92
N THR E 165 22.05 -4.81 15.65
CA THR E 165 21.33 -5.01 14.41
C THR E 165 19.97 -4.32 14.48
N GLU E 166 19.36 -4.17 13.30
CA GLU E 166 17.99 -3.69 13.21
C GLU E 166 17.06 -4.77 13.77
N GLN E 167 15.92 -4.33 14.34
CA GLN E 167 14.92 -5.24 14.90
C GLN E 167 14.40 -6.18 13.83
N ASP E 168 14.51 -7.47 14.12
CA ASP E 168 14.14 -8.51 13.17
C ASP E 168 12.62 -8.56 13.05
N SER E 169 12.12 -8.65 11.83
CA SER E 169 10.66 -8.66 11.64
C SER E 169 10.04 -9.97 12.12
N LYS E 170 10.81 -11.07 12.08
CA LYS E 170 10.25 -12.39 12.41
C LYS E 170 9.99 -12.55 13.91
N ASP E 171 10.96 -12.15 14.76
CA ASP E 171 10.86 -12.41 16.19
C ASP E 171 10.87 -11.16 17.08
N SER E 172 11.03 -9.96 16.49
CA SER E 172 11.04 -8.64 17.17
C SER E 172 12.18 -8.49 18.18
N THR E 173 13.32 -9.13 17.88
CA THR E 173 14.47 -9.12 18.76
C THR E 173 15.62 -8.35 18.12
N TYR E 174 16.65 -8.18 18.91
CA TYR E 174 17.90 -7.58 18.52
C TYR E 174 19.05 -8.55 18.75
N SER E 175 20.16 -8.24 18.11
CA SER E 175 21.44 -8.88 18.25
C SER E 175 22.51 -7.80 18.27
N LEU E 176 23.61 -8.08 18.95
CA LEU E 176 24.68 -7.11 19.22
C LEU E 176 26.03 -7.82 19.05
N SER E 177 27.02 -7.08 18.55
CA SER E 177 28.40 -7.54 18.46
C SER E 177 29.30 -6.51 19.14
N SER E 178 30.07 -6.98 20.11
CA SER E 178 31.09 -6.18 20.76
C SER E 178 32.42 -6.72 20.29
N THR E 179 33.27 -5.84 19.78
CA THR E 179 34.54 -6.24 19.20
C THR E 179 35.62 -5.52 19.98
N LEU E 180 36.46 -6.29 20.63
CA LEU E 180 37.62 -5.78 21.34
C LEU E 180 38.85 -5.97 20.47
N THR E 181 39.50 -4.87 20.10
CA THR E 181 40.67 -4.87 19.24
C THR E 181 41.88 -4.55 20.10
N LEU E 182 42.85 -5.47 20.12
CA LEU E 182 44.16 -5.32 20.76
C LEU E 182 45.26 -5.51 19.74
N SER E 183 46.47 -5.14 20.11
CA SER E 183 47.64 -5.56 19.34
C SER E 183 47.91 -7.05 19.58
N LYS E 184 48.72 -7.63 18.69
CA LYS E 184 49.15 -9.02 18.86
C LYS E 184 50.00 -9.20 20.10
N ALA E 185 50.82 -8.19 20.39
CA ALA E 185 51.69 -8.20 21.56
C ALA E 185 50.91 -8.17 22.86
N ASP E 186 49.84 -7.38 22.91
CA ASP E 186 49.01 -7.41 24.11
C ASP E 186 48.15 -8.66 24.18
N TYR E 187 47.81 -9.25 23.03
CA TYR E 187 46.97 -10.45 23.01
C TYR E 187 47.72 -11.66 23.53
N GLU E 188 48.99 -11.80 23.17
CA GLU E 188 49.70 -13.01 23.59
C GLU E 188 50.24 -12.90 25.01
N LYS E 189 50.13 -11.71 25.62
CA LYS E 189 50.58 -11.45 26.99
C LYS E 189 49.64 -11.98 28.06
N HIS E 190 48.35 -12.14 27.78
CA HIS E 190 47.38 -12.50 28.82
C HIS E 190 46.58 -13.72 28.36
N LYS E 191 45.91 -14.38 29.33
CA LYS E 191 45.28 -15.65 29.04
C LYS E 191 43.76 -15.61 29.04
N VAL E 192 43.11 -14.99 30.04
CA VAL E 192 41.66 -15.15 30.22
C VAL E 192 40.97 -13.89 29.69
N TYR E 193 40.00 -14.09 28.80
CA TYR E 193 39.26 -13.01 28.15
C TYR E 193 37.77 -13.27 28.34
N ALA E 194 37.07 -12.30 28.93
CA ALA E 194 35.70 -12.50 29.38
C ALA E 194 34.78 -11.40 28.87
N CYS E 195 33.54 -11.78 28.58
CA CYS E 195 32.46 -10.90 28.17
C CYS E 195 31.35 -11.04 29.22
N GLU E 196 30.99 -9.93 29.87
CA GLU E 196 30.03 -9.92 30.97
C GLU E 196 28.81 -9.12 30.56
N VAL E 197 27.64 -9.75 30.63
CA VAL E 197 26.43 -9.21 30.02
C VAL E 197 25.40 -8.97 31.12
N THR E 198 24.92 -7.73 31.20
CA THR E 198 23.80 -7.35 32.03
C THR E 198 22.62 -6.98 31.15
N HIS E 199 21.48 -7.59 31.41
CA HIS E 199 20.28 -7.38 30.61
C HIS E 199 19.08 -7.54 31.53
N GLN E 200 17.98 -6.89 31.14
CA GLN E 200 16.70 -6.96 31.88
C GLN E 200 16.15 -8.39 31.92
N GLY E 201 16.40 -9.16 30.87
CA GLY E 201 16.05 -10.56 30.81
C GLY E 201 16.93 -11.46 31.63
N LEU E 202 18.13 -11.02 31.99
CA LEU E 202 19.03 -11.80 32.84
C LEU E 202 18.80 -11.49 34.31
N SER E 203 18.64 -12.56 35.12
CA SER E 203 18.52 -12.43 36.57
C SER E 203 19.82 -11.97 37.21
N SER E 204 20.94 -12.44 36.69
CA SER E 204 22.28 -12.15 37.19
C SER E 204 23.15 -11.96 35.96
N PRO E 205 24.26 -11.22 36.08
CA PRO E 205 25.14 -11.01 34.90
C PRO E 205 25.78 -12.30 34.41
N VAL E 206 25.70 -12.52 33.11
CA VAL E 206 26.23 -13.74 32.51
C VAL E 206 27.64 -13.45 32.02
N THR E 207 28.61 -14.25 32.45
CA THR E 207 29.97 -14.12 31.97
C THR E 207 30.26 -15.29 31.04
N LYS E 208 30.77 -14.99 29.85
CA LYS E 208 31.35 -16.00 28.98
C LYS E 208 32.84 -15.68 28.86
N SER E 209 33.68 -16.69 28.68
CA SER E 209 35.13 -16.50 28.75
C SER E 209 35.87 -17.52 27.88
N PHE E 210 37.15 -17.23 27.61
CA PHE E 210 38.05 -18.24 27.07
C PHE E 210 39.48 -18.06 27.62
N ASN E 211 40.28 -19.12 27.44
CA ASN E 211 41.73 -19.08 27.65
C ASN E 211 42.46 -18.86 26.32
N ASP F 10 -11.71 66.97 -0.28
CA ASP F 10 -12.00 66.81 -1.69
C ASP F 10 -10.77 66.20 -2.38
N LEU F 11 -10.12 65.32 -1.60
CA LEU F 11 -8.79 64.77 -1.90
C LEU F 11 -8.88 63.24 -1.87
N SER F 12 -8.53 62.60 -2.99
CA SER F 12 -8.07 61.21 -2.98
C SER F 12 -7.16 61.03 -4.19
N TYR F 13 -5.89 61.36 -4.02
CA TYR F 13 -4.87 61.08 -5.02
C TYR F 13 -3.90 60.04 -4.49
N GLU F 14 -3.22 59.35 -5.42
CA GLU F 14 -2.21 58.37 -5.08
C GLU F 14 -0.84 58.84 -5.57
N THR F 15 0.09 58.97 -4.63
CA THR F 15 1.38 59.58 -4.93
C THR F 15 2.52 58.86 -4.21
N THR F 16 2.29 57.63 -3.77
CA THR F 16 3.31 56.89 -3.01
C THR F 16 4.43 56.42 -3.94
N GLU F 17 5.66 56.76 -3.58
CA GLU F 17 6.84 56.31 -4.28
C GLU F 17 7.63 55.40 -3.36
N SER F 18 8.15 54.30 -3.90
CA SER F 18 8.92 53.34 -3.13
C SER F 18 9.88 52.61 -4.07
N GLY F 19 10.63 51.63 -3.52
CA GLY F 19 11.40 50.71 -4.32
C GLY F 19 11.09 49.29 -3.91
N ASP F 20 11.69 48.34 -4.67
CA ASP F 20 11.49 46.90 -4.43
C ASP F 20 11.96 46.48 -3.04
N THR F 21 13.10 46.95 -2.59
CA THR F 21 13.52 46.75 -1.21
C THR F 21 13.36 48.08 -0.50
N ALA F 22 12.68 48.06 0.65
CA ALA F 22 12.73 49.22 1.54
C ALA F 22 14.12 49.37 2.14
N VAL F 23 14.67 48.29 2.72
CA VAL F 23 16.09 48.17 3.05
C VAL F 23 16.58 46.71 2.93
N SER F 24 17.20 46.36 1.79
CA SER F 24 17.74 45.02 1.49
C SER F 24 18.58 45.05 0.20
N GLU F 25 19.33 43.95 -0.01
CA GLU F 25 20.07 43.64 -1.23
C GLU F 25 19.14 43.06 -2.30
N ASP F 26 19.60 43.02 -3.55
CA ASP F 26 18.78 42.50 -4.64
C ASP F 26 18.96 41.00 -4.87
N SER F 27 19.87 40.33 -4.13
CA SER F 27 20.00 38.87 -4.12
C SER F 27 19.15 38.30 -2.97
N TYR F 28 17.87 38.04 -3.28
CA TYR F 28 16.85 37.73 -2.30
C TYR F 28 16.11 36.45 -2.72
N ASP F 29 15.05 36.09 -1.98
CA ASP F 29 14.31 34.85 -2.27
C ASP F 29 13.18 35.07 -3.28
N LYS F 30 13.29 34.46 -4.47
CA LYS F 30 12.29 34.59 -5.53
C LYS F 30 11.54 33.28 -5.72
N TYR F 31 10.28 33.36 -6.15
CA TYR F 31 9.43 32.17 -6.27
C TYR F 31 8.44 32.36 -7.40
N ALA F 32 8.11 31.25 -8.07
CA ALA F 32 6.96 31.28 -8.96
C ALA F 32 5.67 31.20 -8.15
N SER F 33 4.60 31.71 -8.73
CA SER F 33 3.29 31.60 -8.11
C SER F 33 2.76 30.15 -8.22
N GLN F 34 1.79 29.84 -7.37
CA GLN F 34 1.14 28.55 -7.39
C GLN F 34 0.05 28.59 -8.45
N ASN F 35 0.24 27.86 -9.55
CA ASN F 35 -0.66 27.97 -10.69
C ASN F 35 -1.50 26.71 -10.80
N THR F 36 -2.78 26.83 -10.50
CA THR F 36 -3.68 25.69 -10.67
C THR F 36 -5.03 26.20 -11.15
N ASN F 37 -5.55 25.54 -12.22
CA ASN F 37 -6.89 25.75 -12.81
C ASN F 37 -7.10 27.18 -13.30
N LYS F 38 -6.05 27.73 -13.95
CA LYS F 38 -5.97 29.12 -14.44
C LYS F 38 -6.15 30.14 -13.31
N GLU F 39 -5.76 29.75 -12.09
CA GLU F 39 -5.71 30.67 -10.95
C GLU F 39 -4.28 30.66 -10.42
N TYR F 40 -3.68 31.83 -10.36
CA TYR F 40 -2.26 31.98 -10.05
C TYR F 40 -2.19 32.67 -8.70
N VAL F 41 -1.61 32.01 -7.70
CA VAL F 41 -1.77 32.37 -6.29
C VAL F 41 -0.41 32.70 -5.69
N CYS F 42 -0.33 33.83 -4.98
CA CYS F 42 0.80 34.14 -4.11
C CYS F 42 0.32 34.03 -2.66
N ASP F 43 0.87 33.05 -1.90
CA ASP F 43 0.48 32.81 -0.50
C ASP F 43 1.64 33.15 0.43
N PHE F 44 1.48 34.26 1.17
CA PHE F 44 2.52 34.80 2.03
C PHE F 44 2.42 34.43 3.50
N THR F 45 1.43 33.63 3.91
CA THR F 45 0.99 33.61 5.30
C THR F 45 2.00 32.97 6.27
N ASP F 46 2.99 32.23 5.79
CA ASP F 46 4.06 31.74 6.66
C ASP F 46 5.40 32.35 6.34
N GLN F 47 5.52 32.99 5.18
CA GLN F 47 6.78 33.40 4.60
C GLN F 47 7.26 34.76 5.11
N LEU F 48 6.42 35.50 5.81
CA LEU F 48 6.72 36.87 6.23
C LEU F 48 6.94 37.02 7.72
N LYS F 49 6.77 35.93 8.49
CA LYS F 49 6.89 35.93 9.94
C LYS F 49 8.33 36.27 10.33
N PRO F 50 8.54 36.87 11.51
CA PRO F 50 9.91 37.25 11.93
C PRO F 50 10.86 36.09 12.09
N THR F 51 11.91 36.12 11.29
CA THR F 51 12.97 35.14 11.31
C THR F 51 14.24 35.83 11.78
N GLU F 52 15.21 35.02 12.19
CA GLU F 52 16.42 35.53 12.79
C GLU F 52 17.32 36.21 11.77
N SER F 53 17.17 35.84 10.49
CA SER F 53 17.89 36.43 9.38
C SER F 53 17.21 37.69 8.86
N GLY F 54 16.10 38.10 9.47
CA GLY F 54 15.26 39.14 8.93
C GLY F 54 15.86 40.53 9.02
N PRO F 55 15.46 41.42 8.10
CA PRO F 55 14.44 41.24 7.04
C PRO F 55 14.95 40.66 5.72
N LYS F 56 14.22 39.68 5.18
CA LYS F 56 14.47 39.17 3.84
C LYS F 56 13.44 39.80 2.90
N VAL F 57 13.74 39.77 1.61
CA VAL F 57 12.72 40.02 0.59
C VAL F 57 12.28 38.67 0.00
N LYS F 58 10.96 38.45 0.02
CA LYS F 58 10.31 37.30 -0.60
C LYS F 58 9.50 37.78 -1.80
N LYS F 59 9.92 37.42 -2.99
CA LYS F 59 9.32 37.91 -4.23
C LYS F 59 8.53 36.79 -4.92
N CYS F 60 7.22 36.97 -5.03
CA CYS F 60 6.38 36.05 -5.79
C CYS F 60 6.20 36.58 -7.21
N GLU F 61 6.52 35.77 -8.22
CA GLU F 61 6.54 36.22 -9.60
C GLU F 61 5.43 35.52 -10.39
N VAL F 62 4.53 36.34 -10.98
CA VAL F 62 3.37 35.87 -11.71
C VAL F 62 3.59 36.16 -13.20
N LYS F 63 3.91 35.12 -13.99
CA LYS F 63 4.10 35.27 -15.42
C LYS F 63 2.82 34.83 -16.14
N VAL F 64 2.22 35.75 -16.89
CA VAL F 64 0.95 35.56 -17.58
C VAL F 64 1.19 35.64 -19.08
N ASN F 65 0.86 34.54 -19.78
CA ASN F 65 0.82 34.54 -21.24
C ASN F 65 -0.44 33.83 -21.76
N GLU F 66 -1.51 33.80 -20.98
CA GLU F 66 -2.76 33.13 -21.31
C GLU F 66 -3.94 34.05 -21.01
N PRO F 67 -5.10 33.83 -21.65
CA PRO F 67 -6.28 34.62 -21.31
C PRO F 67 -6.92 34.18 -20.00
N LEU F 68 -7.60 35.16 -19.38
CA LEU F 68 -8.55 34.99 -18.27
C LEU F 68 -7.92 34.34 -17.03
N ILE F 69 -6.73 34.80 -16.69
CA ILE F 69 -6.09 34.32 -15.48
C ILE F 69 -6.65 35.10 -14.30
N LYS F 70 -7.06 34.39 -13.25
CA LYS F 70 -7.38 35.00 -11.97
C LYS F 70 -6.13 34.97 -11.10
N VAL F 71 -5.66 36.14 -10.68
CA VAL F 71 -4.55 36.26 -9.75
C VAL F 71 -5.10 36.48 -8.35
N LYS F 72 -4.61 35.70 -7.39
CA LYS F 72 -5.01 35.78 -6.00
C LYS F 72 -3.77 36.06 -5.17
N ILE F 73 -3.82 37.09 -4.34
CA ILE F 73 -2.71 37.42 -3.46
C ILE F 73 -3.22 37.37 -2.03
N ILE F 74 -2.60 36.52 -1.22
CA ILE F 74 -2.97 36.30 0.18
C ILE F 74 -1.87 36.88 1.05
N CYS F 75 -2.17 37.95 1.76
CA CYS F 75 -1.28 38.72 2.63
C CYS F 75 -1.84 38.71 4.05
N PRO F 76 -1.08 38.26 5.06
CA PRO F 76 -1.67 38.07 6.39
C PRO F 76 -1.95 39.37 7.12
N LEU F 77 -2.98 39.33 7.95
CA LEU F 77 -3.46 40.51 8.63
C LEU F 77 -2.81 40.67 10.00
N LYS F 78 -2.88 41.90 10.47
CA LYS F 78 -2.36 42.28 11.78
C LYS F 78 -3.18 41.62 12.89
N GLY F 79 -2.48 40.93 13.78
CA GLY F 79 -3.11 40.19 14.86
C GLY F 79 -3.81 38.91 14.48
N SER F 80 -3.64 38.41 13.24
CA SER F 80 -4.15 37.11 12.84
C SER F 80 -3.47 35.98 13.61
N VAL F 81 -2.17 35.90 13.54
CA VAL F 81 -1.38 35.29 14.60
C VAL F 81 -1.00 36.45 15.52
N GLU F 82 -0.97 36.19 16.82
CA GLU F 82 -0.62 37.24 17.76
C GLU F 82 0.86 37.59 17.65
N LYS F 83 1.14 38.91 17.72
CA LYS F 83 2.43 39.60 17.87
C LYS F 83 3.32 39.57 16.62
N LEU F 84 3.02 38.70 15.65
CA LEU F 84 3.92 38.43 14.53
C LEU F 84 3.60 39.26 13.31
N TYR F 85 2.48 39.98 13.31
CA TYR F 85 2.13 40.81 12.18
C TYR F 85 1.75 42.22 12.63
N ASP F 86 2.33 42.69 13.73
CA ASP F 86 1.86 43.90 14.40
C ASP F 86 2.16 45.17 13.63
N ASN F 87 3.12 45.16 12.72
CA ASN F 87 3.39 46.33 11.89
C ASN F 87 3.39 45.97 10.41
N ILE F 88 2.48 45.11 9.99
CA ILE F 88 2.40 44.78 8.57
C ILE F 88 1.68 45.91 7.85
N GLU F 89 2.18 46.23 6.66
CA GLU F 89 1.66 47.28 5.79
C GLU F 89 1.39 46.64 4.44
N TYR F 90 0.41 47.13 3.71
CA TYR F 90 0.27 46.71 2.33
C TYR F 90 0.21 47.93 1.44
N VAL F 91 0.88 47.84 0.29
CA VAL F 91 0.98 48.94 -0.66
C VAL F 91 0.68 48.41 -2.06
N PRO F 92 -0.24 49.01 -2.85
CA PRO F 92 -1.13 50.17 -2.58
C PRO F 92 -2.26 49.80 -1.62
N LYS F 93 -2.79 50.77 -0.87
CA LYS F 93 -3.86 50.43 0.07
C LYS F 93 -5.16 50.10 -0.66
N LYS F 94 -5.38 50.62 -1.87
CA LYS F 94 -6.58 50.36 -2.64
C LYS F 94 -6.36 49.31 -3.74
N SER F 95 -5.39 48.44 -3.54
CA SER F 95 -5.11 47.36 -4.47
C SER F 95 -6.23 46.31 -4.42
N PRO F 96 -6.55 45.69 -5.58
CA PRO F 96 -5.89 45.66 -6.90
C PRO F 96 -6.30 46.77 -7.87
N TYR F 97 -7.15 47.71 -7.45
CA TYR F 97 -7.55 48.79 -8.33
C TYR F 97 -6.37 49.71 -8.64
N VAL F 98 -5.52 49.93 -7.64
CA VAL F 98 -4.27 50.65 -7.75
C VAL F 98 -3.16 49.63 -7.62
N VAL F 99 -2.16 49.72 -8.49
CA VAL F 99 -0.98 48.85 -8.46
C VAL F 99 0.25 49.74 -8.48
N LEU F 100 1.40 49.14 -8.30
CA LEU F 100 2.66 49.85 -8.42
C LEU F 100 3.33 49.53 -9.74
N THR F 101 3.94 50.52 -10.37
CA THR F 101 4.68 50.31 -11.60
C THR F 101 6.04 50.96 -11.47
N LYS F 102 7.02 50.48 -12.22
CA LYS F 102 8.38 51.02 -12.11
C LYS F 102 8.61 52.00 -13.26
N GLU F 103 8.49 53.29 -12.96
CA GLU F 103 8.91 54.38 -13.83
C GLU F 103 9.92 55.26 -13.11
N GLU F 104 10.94 55.70 -13.86
CA GLU F 104 11.98 56.66 -13.43
C GLU F 104 12.71 56.17 -12.18
N THR F 105 12.99 54.85 -12.17
CA THR F 105 13.59 54.08 -11.06
C THR F 105 12.78 54.18 -9.78
N LYS F 106 11.46 54.29 -9.90
CA LYS F 106 10.61 54.38 -8.73
C LYS F 106 9.33 53.60 -8.95
N LEU F 107 8.71 53.21 -7.85
CA LEU F 107 7.45 52.48 -7.90
C LEU F 107 6.36 53.52 -7.65
N LYS F 108 5.61 53.82 -8.70
CA LYS F 108 4.56 54.82 -8.70
C LYS F 108 3.21 54.12 -8.77
N GLU F 109 2.26 54.64 -8.02
CA GLU F 109 0.93 54.06 -8.05
C GLU F 109 0.22 54.42 -9.35
N LYS F 110 -0.35 53.41 -10.01
CA LYS F 110 -1.10 53.62 -11.24
C LYS F 110 -2.36 52.76 -11.19
N LEU F 111 -3.32 53.08 -12.05
CA LEU F 111 -4.60 52.38 -12.06
C LEU F 111 -4.50 51.14 -12.94
N LEU F 112 -4.90 49.99 -12.40
CA LEU F 112 -4.75 48.73 -13.12
C LEU F 112 -5.69 48.67 -14.33
N SER F 113 -6.85 49.31 -14.23
CA SER F 113 -7.76 49.47 -15.36
C SER F 113 -7.16 50.37 -16.45
N LYS F 114 -6.28 51.30 -16.08
CA LYS F 114 -5.65 52.19 -17.05
C LYS F 114 -4.55 51.47 -17.83
N LEU F 115 -3.71 50.68 -17.14
CA LEU F 115 -2.59 50.03 -17.82
C LEU F 115 -3.01 48.77 -18.57
N ILE F 116 -3.97 48.01 -18.07
CA ILE F 116 -4.53 46.87 -18.79
C ILE F 116 -6.00 47.13 -19.03
N TYR F 117 -6.39 47.25 -20.30
CA TYR F 117 -7.78 47.50 -20.69
C TYR F 117 -8.56 46.18 -20.66
N GLY F 118 -9.81 46.26 -20.19
CA GLY F 118 -10.68 45.10 -20.14
C GLY F 118 -10.58 44.28 -18.87
N LEU F 119 -9.96 44.80 -17.83
CA LEU F 119 -9.67 44.02 -16.66
C LEU F 119 -10.87 44.01 -15.72
N LEU F 120 -11.12 42.89 -15.05
CA LEU F 120 -12.28 42.72 -14.19
C LEU F 120 -11.79 42.48 -12.77
N ILE F 121 -12.18 43.36 -11.86
CA ILE F 121 -11.96 43.17 -10.44
C ILE F 121 -13.32 42.98 -9.80
N SER F 122 -13.54 41.81 -9.20
CA SER F 122 -14.76 41.57 -8.46
C SER F 122 -14.74 42.40 -7.18
N PRO F 123 -15.89 42.91 -6.74
CA PRO F 123 -15.87 43.73 -5.51
C PRO F 123 -15.72 42.90 -4.24
N THR F 124 -16.10 41.61 -4.27
CA THR F 124 -16.00 40.68 -3.16
C THR F 124 -15.15 39.48 -3.56
N VAL F 125 -14.46 38.86 -2.60
CA VAL F 125 -13.76 37.62 -2.95
C VAL F 125 -14.56 36.41 -2.48
N ASN F 126 -14.64 36.16 -1.15
CA ASN F 126 -15.46 35.06 -0.64
C ASN F 126 -16.25 35.65 0.52
N GLU F 127 -17.36 36.32 0.18
CA GLU F 127 -18.32 37.05 1.03
C GLU F 127 -17.75 38.30 1.71
N LYS F 128 -16.44 38.52 1.64
CA LYS F 128 -15.76 39.68 2.18
C LYS F 128 -15.17 40.46 1.02
N GLU F 129 -14.78 41.70 1.32
CA GLU F 129 -14.40 42.69 0.31
C GLU F 129 -13.06 42.33 -0.32
N ASN F 130 -12.93 42.64 -1.61
CA ASN F 130 -11.70 42.47 -2.38
C ASN F 130 -10.72 43.60 -2.03
N ASN F 131 -10.16 43.50 -0.83
CA ASN F 131 -9.18 44.44 -0.32
C ASN F 131 -8.27 43.66 0.63
N PHE F 132 -7.04 44.16 0.78
CA PHE F 132 -6.05 43.57 1.66
C PHE F 132 -6.43 43.70 3.14
N LYS F 133 -7.36 44.61 3.47
CA LYS F 133 -7.96 44.69 4.81
C LYS F 133 -8.69 43.40 5.20
N GLU F 134 -9.18 42.64 4.22
CA GLU F 134 -9.77 41.34 4.47
C GLU F 134 -8.79 40.19 4.21
N GLY F 135 -7.54 40.50 3.84
CA GLY F 135 -6.46 39.54 3.79
C GLY F 135 -6.16 38.96 2.42
N VAL F 136 -7.10 39.04 1.49
CA VAL F 136 -6.98 38.42 0.17
C VAL F 136 -7.40 39.46 -0.86
N ILE F 137 -6.61 39.64 -1.92
CA ILE F 137 -7.09 40.34 -3.11
C ILE F 137 -7.04 39.40 -4.31
N GLU F 138 -7.74 39.80 -5.37
CA GLU F 138 -8.01 38.95 -6.53
C GLU F 138 -8.41 39.83 -7.72
N PHE F 139 -7.91 39.47 -8.89
CA PHE F 139 -8.36 40.15 -10.10
C PHE F 139 -8.27 39.20 -11.28
N THR F 140 -8.95 39.57 -12.36
CA THR F 140 -9.04 38.72 -13.53
C THR F 140 -8.58 39.47 -14.77
N LEU F 141 -7.65 38.87 -15.51
CA LEU F 141 -6.99 39.44 -16.67
C LEU F 141 -7.87 39.24 -17.91
N PRO F 142 -7.83 40.16 -18.88
CA PRO F 142 -8.82 40.18 -20.00
C PRO F 142 -8.53 39.08 -21.03
N PRO F 143 -9.41 38.89 -22.04
CA PRO F 143 -9.08 37.92 -23.11
C PRO F 143 -7.90 38.28 -23.99
N VAL F 144 -7.57 39.57 -24.13
CA VAL F 144 -6.48 40.03 -24.99
C VAL F 144 -5.69 41.04 -24.18
N VAL F 145 -4.36 40.98 -24.27
CA VAL F 145 -3.47 42.03 -23.77
C VAL F 145 -2.55 42.39 -24.92
N HIS F 146 -2.49 43.68 -25.28
CA HIS F 146 -1.77 44.07 -26.49
C HIS F 146 -0.30 44.42 -26.24
N LYS F 147 0.07 44.77 -25.01
CA LYS F 147 1.43 45.24 -24.73
C LYS F 147 1.84 44.71 -23.37
N ALA F 148 3.12 44.35 -23.24
CA ALA F 148 3.65 43.75 -22.02
C ALA F 148 3.63 44.75 -20.86
N THR F 149 3.12 44.30 -19.72
CA THR F 149 2.90 45.18 -18.56
C THR F 149 3.42 44.46 -17.33
N VAL F 150 4.21 45.16 -16.54
CA VAL F 150 4.75 44.64 -15.30
C VAL F 150 4.28 45.52 -14.15
N PHE F 151 3.63 44.92 -13.16
CA PHE F 151 3.14 45.70 -12.03
C PHE F 151 3.32 44.94 -10.72
N TYR F 152 3.17 45.66 -9.62
CA TYR F 152 3.71 45.21 -8.34
C TYR F 152 2.74 45.47 -7.20
N PHE F 153 2.85 44.63 -6.18
CA PHE F 153 2.17 44.82 -4.90
C PHE F 153 3.19 44.54 -3.81
N ILE F 154 3.06 45.21 -2.67
CA ILE F 154 3.96 45.06 -1.53
C ILE F 154 3.10 44.67 -0.35
N CYS F 155 3.51 43.64 0.35
CA CYS F 155 2.93 43.25 1.63
C CYS F 155 4.11 43.13 2.62
N ASP F 156 4.39 44.18 3.37
CA ASP F 156 5.62 44.34 4.14
C ASP F 156 5.42 44.08 5.64
N ASN F 157 6.14 43.08 6.17
CA ASN F 157 6.16 42.78 7.59
C ASN F 157 7.50 43.11 8.23
N SER F 158 8.40 43.79 7.51
CA SER F 158 9.75 44.00 7.99
C SER F 158 9.90 45.03 9.09
N LYS F 159 8.82 45.63 9.61
CA LYS F 159 8.88 46.50 10.77
C LYS F 159 8.32 45.82 12.01
N THR F 160 7.96 44.55 11.90
CA THR F 160 7.47 43.78 13.04
C THR F 160 8.67 43.09 13.69
N GLU F 161 8.82 43.26 14.99
CA GLU F 161 9.94 42.67 15.74
C GLU F 161 9.43 41.86 16.93
N ASP F 162 9.88 40.61 17.04
CA ASP F 162 9.56 39.70 18.15
C ASP F 162 10.79 38.86 18.46
N ASP F 163 11.27 38.94 19.72
CA ASP F 163 12.44 38.20 20.24
C ASP F 163 13.70 38.50 19.42
N ASN F 164 13.86 39.78 19.02
CA ASN F 164 14.94 40.42 18.25
C ASN F 164 15.01 39.93 16.80
N LYS F 165 13.95 39.28 16.31
CA LYS F 165 13.84 38.74 14.97
C LYS F 165 12.92 39.67 14.19
N LYS F 166 13.25 39.95 12.94
CA LYS F 166 12.50 40.91 12.14
C LYS F 166 11.72 40.22 11.01
N GLY F 167 10.55 40.80 10.68
CA GLY F 167 9.71 40.25 9.65
C GLY F 167 10.26 40.49 8.26
N ASN F 168 9.54 40.01 7.24
CA ASN F 168 10.04 40.03 5.88
C ASN F 168 9.18 40.91 4.99
N ARG F 169 9.75 41.32 3.86
CA ARG F 169 9.07 42.16 2.88
C ARG F 169 8.62 41.33 1.70
N GLY F 170 7.31 41.24 1.45
CA GLY F 170 6.79 40.48 0.32
C GLY F 170 6.48 41.31 -0.87
N ILE F 171 6.93 40.86 -2.04
CA ILE F 171 6.72 41.53 -3.31
C ILE F 171 5.97 40.58 -4.21
N VAL F 172 4.94 41.09 -4.87
CA VAL F 172 4.34 40.39 -6.00
C VAL F 172 4.68 41.19 -7.25
N GLU F 173 5.29 40.52 -8.22
CA GLU F 173 5.55 41.09 -9.54
C GLU F 173 4.74 40.29 -10.55
N VAL F 174 3.77 40.94 -11.19
CA VAL F 174 2.97 40.35 -12.26
C VAL F 174 3.56 40.83 -13.58
N TYR F 175 3.96 39.89 -14.45
CA TYR F 175 4.41 40.17 -15.81
C TYR F 175 3.37 39.63 -16.75
N VAL F 176 2.71 40.50 -17.50
CA VAL F 176 1.78 40.11 -18.53
C VAL F 176 2.50 40.29 -19.87
N GLU F 177 2.84 39.17 -20.50
CA GLU F 177 3.23 39.21 -21.89
C GLU F 177 1.97 39.26 -22.75
N PRO F 178 2.06 39.79 -23.98
CA PRO F 178 0.86 39.88 -24.82
C PRO F 178 0.35 38.52 -25.31
N TYR F 179 -0.99 38.41 -25.38
CA TYR F 179 -1.65 37.17 -25.73
C TYR F 179 -2.95 37.45 -26.49
N GLY F 180 -3.53 36.40 -27.06
CA GLY F 180 -4.83 36.50 -27.70
C GLY F 180 -4.78 36.59 -29.22
#